data_9B47
#
_entry.id   9B47
#
_cell.length_a   174.230
_cell.length_b   174.230
_cell.length_c   171.530
_cell.angle_alpha   90.000
_cell.angle_beta   90.000
_cell.angle_gamma   120.000
#
_symmetry.space_group_name_H-M   'H 3'
#
loop_
_entity.id
_entity.type
_entity.pdbx_description
1 polymer 'Phosphate transporter'
2 non-polymer 'PHOSPHATE ION'
#
_entity_poly.entity_id   1
_entity_poly.type   'polypeptide(L)'
_entity_poly.pdbx_seq_one_letter_code
;GPMLADLDHFGKNYKHDEEAQRNQKPWMLTWPQIKLVLLAGVGFFLDAYDLFIINQVAPMLAQVYFPKTGLPAQRQDLMK
AAANIGCVVGQVMFGVLGDSFGRKFVYGKELILIIVATIFQMSAPSHWDGNRVLTWITICRVFLGIGIGGDYPMSATVVS
DRANIHRRGTLLCFIFANQGWGSFVGSLVTIVTISGFKHRLKSGHTHDVDKAWRILIGLSLIPAFGTLYQRLTLPESRKF
ELTRDAASSSTVAIDKKDHDATHEVKDAPESEKSSPKVTPADAIDDDRHGVIASKKAHWQEFVAYFSTWNHFRNLLGSML
GWFLVDIAFFGINLNQSVVLAQIGFAGKTGDVYDKLFQLATGNIIVTALGFLPGYYFTLFLIDIVGRKKLQFMGFIMSGL
FLAILAGEIDHIGKGPLLACFTFMQFFFNFGANTTTFIVAAELFPTRIRASAHGISAAAGKCGAILSSLVFNQLKAKIGT
SAVLWIFFSTCILGFISTFLIDETMGVDPDEKDLEERRARGEIPGGLVPR
;
_entity_poly.pdbx_strand_id   A,B
#
loop_
_chem_comp.id
_chem_comp.type
_chem_comp.name
_chem_comp.formula
PO4 non-polymer 'PHOSPHATE ION' 'O4 P -3'
#
# COMPACT_ATOMS: atom_id res chain seq x y z
N PRO A 32 -5.93 -31.03 8.56
CA PRO A 32 -6.98 -30.53 9.45
C PRO A 32 -6.48 -29.48 10.43
N GLN A 33 -5.93 -29.92 11.56
CA GLN A 33 -5.35 -29.00 12.53
C GLN A 33 -3.92 -28.61 12.16
N ILE A 34 -3.21 -29.46 11.43
CA ILE A 34 -1.80 -29.22 11.14
C ILE A 34 -1.62 -28.05 10.19
N LYS A 35 -2.54 -27.89 9.23
CA LYS A 35 -2.39 -26.85 8.22
C LYS A 35 -2.37 -25.44 8.80
N LEU A 36 -2.87 -25.27 10.03
CA LEU A 36 -2.85 -23.96 10.66
C LEU A 36 -1.44 -23.59 11.13
N VAL A 37 -0.81 -24.47 11.91
CA VAL A 37 0.48 -24.15 12.51
C VAL A 37 1.57 -24.03 11.45
N LEU A 38 1.48 -24.80 10.36
CA LEU A 38 2.47 -24.68 9.30
C LEU A 38 2.44 -23.29 8.67
N LEU A 39 1.24 -22.75 8.44
CA LEU A 39 1.12 -21.40 7.90
C LEU A 39 1.81 -20.39 8.81
N ALA A 40 1.62 -20.52 10.12
CA ALA A 40 2.33 -19.65 11.06
C ALA A 40 3.83 -19.81 10.90
N GLY A 41 4.30 -21.05 10.78
CA GLY A 41 5.72 -21.27 10.54
C GLY A 41 6.19 -20.60 9.26
N VAL A 42 5.34 -20.62 8.23
CA VAL A 42 5.70 -19.96 6.97
C VAL A 42 5.78 -18.46 7.16
N GLY A 43 4.74 -17.86 7.74
CA GLY A 43 4.79 -16.45 8.06
C GLY A 43 5.94 -16.11 8.99
N PHE A 44 6.30 -17.03 9.89
CA PHE A 44 7.43 -16.80 10.78
C PHE A 44 8.76 -17.17 10.14
N PHE A 45 8.76 -18.09 9.18
CA PHE A 45 9.93 -18.25 8.32
C PHE A 45 10.13 -17.02 7.45
N LEU A 46 9.04 -16.45 6.96
CA LEU A 46 9.12 -15.35 6.00
C LEU A 46 9.69 -14.09 6.65
N ASP A 47 9.08 -13.64 7.74
CA ASP A 47 9.54 -12.41 8.36
C ASP A 47 10.92 -12.56 9.01
N ALA A 48 11.22 -13.75 9.56
CA ALA A 48 12.55 -13.98 10.11
C ALA A 48 13.59 -13.99 9.00
N TYR A 49 13.29 -14.62 7.86
CA TYR A 49 14.13 -14.54 6.67
C TYR A 49 14.44 -13.09 6.34
N ASP A 50 13.41 -12.34 5.95
CA ASP A 50 13.57 -10.94 5.56
C ASP A 50 14.27 -10.12 6.65
N LEU A 51 14.09 -10.49 7.92
CA LEU A 51 14.71 -9.74 9.01
C LEU A 51 16.23 -9.86 8.99
N PHE A 52 16.74 -11.09 8.92
CA PHE A 52 18.17 -11.33 9.03
C PHE A 52 18.90 -11.33 7.68
N ILE A 53 18.19 -11.11 6.57
CA ILE A 53 18.84 -11.11 5.26
C ILE A 53 19.81 -9.95 5.13
N ILE A 54 19.44 -8.80 5.69
CA ILE A 54 20.29 -7.59 5.69
C ILE A 54 21.73 -7.91 6.09
N ASN A 55 21.90 -8.83 7.05
CA ASN A 55 23.24 -9.16 7.50
C ASN A 55 24.13 -9.66 6.37
N GLN A 56 23.54 -10.25 5.34
CA GLN A 56 24.28 -10.74 4.19
C GLN A 56 24.20 -9.83 2.98
N VAL A 57 23.23 -8.91 2.95
CA VAL A 57 23.12 -7.97 1.83
C VAL A 57 24.05 -6.78 2.04
N ALA A 58 24.18 -6.32 3.29
CA ALA A 58 25.05 -5.18 3.61
C ALA A 58 26.46 -5.30 3.04
N PRO A 59 27.17 -6.44 3.12
CA PRO A 59 28.49 -6.51 2.48
C PRO A 59 28.43 -6.36 0.97
N MET A 60 27.34 -6.77 0.34
CA MET A 60 27.21 -6.60 -1.10
C MET A 60 27.06 -5.13 -1.48
N LEU A 61 26.24 -4.39 -0.73
CA LEU A 61 26.10 -2.96 -0.98
C LEU A 61 27.42 -2.23 -0.80
N ALA A 62 28.22 -2.65 0.18
CA ALA A 62 29.51 -2.04 0.41
C ALA A 62 30.43 -2.21 -0.80
N GLN A 63 30.57 -3.45 -1.28
CA GLN A 63 31.46 -3.70 -2.41
C GLN A 63 31.08 -2.90 -3.65
N VAL A 64 29.82 -2.48 -3.76
CA VAL A 64 29.36 -1.75 -4.93
C VAL A 64 29.50 -0.25 -4.70
N TYR A 65 28.71 0.28 -3.76
CA TYR A 65 28.60 1.71 -3.58
C TYR A 65 29.59 2.29 -2.57
N PHE A 66 30.35 1.45 -1.87
CA PHE A 66 31.28 1.94 -0.88
C PHE A 66 32.51 1.04 -0.78
N PRO A 67 33.26 0.84 -1.88
CA PRO A 67 34.32 -0.18 -1.83
C PRO A 67 35.50 0.20 -0.95
N LYS A 68 35.94 1.46 -1.01
CA LYS A 68 37.05 1.91 -0.18
C LYS A 68 36.63 2.03 1.27
N THR A 69 35.86 3.07 1.58
CA THR A 69 35.29 3.24 2.91
C THR A 69 34.02 2.42 3.03
N GLY A 70 33.99 1.49 3.99
CA GLY A 70 32.83 0.65 4.21
C GLY A 70 31.55 1.41 4.51
N LEU A 71 30.47 0.67 4.73
CA LEU A 71 29.17 1.27 5.03
C LEU A 71 29.29 2.21 6.23
N PRO A 72 28.91 3.49 6.09
CA PRO A 72 28.91 4.39 7.24
C PRO A 72 28.06 3.83 8.37
N ALA A 73 28.58 3.97 9.60
CA ALA A 73 28.00 3.33 10.77
C ALA A 73 26.52 3.66 10.94
N GLN A 74 26.20 4.94 11.10
CA GLN A 74 24.83 5.34 11.35
C GLN A 74 23.90 4.90 10.22
N ARG A 75 24.34 5.06 8.97
CA ARG A 75 23.49 4.71 7.85
C ARG A 75 23.22 3.20 7.81
N GLN A 76 24.21 2.39 8.21
CA GLN A 76 24.01 0.95 8.24
C GLN A 76 23.07 0.53 9.37
N ASP A 77 23.28 1.08 10.57
CA ASP A 77 22.49 0.67 11.73
C ASP A 77 21.01 0.94 11.53
N LEU A 78 20.67 2.14 11.03
CA LEU A 78 19.27 2.49 10.82
C LEU A 78 18.58 1.51 9.90
N MET A 79 19.24 1.13 8.80
CA MET A 79 18.66 0.18 7.86
C MET A 79 18.33 -1.14 8.53
N LYS A 80 19.20 -1.59 9.44
CA LYS A 80 18.99 -2.89 10.07
C LYS A 80 17.95 -2.82 11.18
N ALA A 81 17.92 -1.72 11.93
CA ALA A 81 16.90 -1.53 12.95
C ALA A 81 15.55 -1.14 12.36
N ALA A 82 15.53 -0.72 11.09
CA ALA A 82 14.30 -0.27 10.45
C ALA A 82 13.20 -1.32 10.57
N ALA A 83 13.48 -2.55 10.15
CA ALA A 83 12.47 -3.61 10.21
C ALA A 83 12.06 -3.91 11.64
N ASN A 84 13.00 -3.78 12.59
CA ASN A 84 12.65 -3.97 13.99
C ASN A 84 11.89 -2.77 14.54
N ILE A 85 12.23 -1.55 14.09
CA ILE A 85 11.46 -0.38 14.48
C ILE A 85 10.07 -0.43 13.86
N GLY A 86 10.00 -0.70 12.56
CA GLY A 86 8.72 -0.93 11.92
C GLY A 86 7.93 -2.07 12.52
N CYS A 87 8.61 -3.02 13.18
CA CYS A 87 7.92 -4.20 13.68
C CYS A 87 7.00 -3.87 14.85
N VAL A 88 7.32 -2.85 15.64
CA VAL A 88 6.48 -2.50 16.78
C VAL A 88 5.34 -1.56 16.36
N VAL A 89 5.62 -0.60 15.48
CA VAL A 89 4.55 0.28 15.02
C VAL A 89 3.51 -0.50 14.23
N GLY A 90 3.93 -1.60 13.59
CA GLY A 90 2.97 -2.49 12.96
C GLY A 90 2.06 -3.16 13.98
N GLN A 91 2.63 -3.56 15.12
CA GLN A 91 1.81 -4.10 16.20
C GLN A 91 0.77 -3.09 16.67
N VAL A 92 1.17 -1.82 16.81
CA VAL A 92 0.24 -0.79 17.24
C VAL A 92 -0.82 -0.53 16.17
N MET A 93 -0.37 -0.28 14.93
CA MET A 93 -1.29 0.01 13.84
C MET A 93 -2.26 -1.13 13.61
N PHE A 94 -1.72 -2.33 13.36
CA PHE A 94 -2.58 -3.50 13.15
C PHE A 94 -3.29 -3.95 14.42
N GLY A 95 -2.89 -3.45 15.58
CA GLY A 95 -3.58 -3.72 16.82
C GLY A 95 -4.86 -2.91 16.96
N VAL A 96 -4.80 -1.63 16.59
CA VAL A 96 -5.99 -0.78 16.62
C VAL A 96 -6.95 -1.16 15.50
N LEU A 97 -6.42 -1.48 14.31
CA LEU A 97 -7.26 -1.91 13.22
C LEU A 97 -7.76 -3.34 13.38
N GLY A 98 -7.36 -4.02 14.44
CA GLY A 98 -7.96 -5.28 14.82
C GLY A 98 -9.13 -5.12 15.76
N ASP A 99 -9.07 -4.07 16.60
CA ASP A 99 -10.19 -3.76 17.48
C ASP A 99 -11.37 -3.24 16.67
N SER A 100 -11.18 -2.12 15.96
CA SER A 100 -12.16 -1.59 15.03
C SER A 100 -11.77 -2.09 13.65
N PHE A 101 -12.59 -2.95 13.06
CA PHE A 101 -12.18 -3.71 11.90
C PHE A 101 -12.13 -2.85 10.65
N GLY A 102 -11.03 -2.95 9.90
CA GLY A 102 -10.95 -2.43 8.55
C GLY A 102 -10.87 -3.58 7.57
N ARG A 103 -10.38 -4.73 8.05
CA ARG A 103 -10.45 -5.98 7.31
C ARG A 103 -10.62 -7.11 8.31
N LYS A 104 -11.29 -8.18 7.88
CA LYS A 104 -11.48 -9.37 8.71
C LYS A 104 -10.14 -9.88 9.24
N PHE A 105 -9.75 -9.43 10.43
CA PHE A 105 -8.47 -9.80 11.04
C PHE A 105 -7.28 -9.42 10.15
N VAL A 106 -7.46 -8.38 9.33
CA VAL A 106 -6.48 -7.82 8.41
C VAL A 106 -5.53 -8.89 7.89
N TYR A 107 -6.06 -9.88 7.18
CA TYR A 107 -5.28 -11.02 6.73
C TYR A 107 -4.84 -10.81 5.30
N GLY A 108 -3.58 -11.16 5.02
CA GLY A 108 -2.95 -10.88 3.74
C GLY A 108 -2.59 -9.42 3.56
N LYS A 109 -3.27 -8.51 4.25
CA LYS A 109 -2.93 -7.09 4.17
C LYS A 109 -1.51 -6.86 4.63
N GLU A 110 -1.12 -7.49 5.75
CA GLU A 110 0.26 -7.41 6.21
C GLU A 110 1.20 -8.09 5.23
N LEU A 111 0.70 -9.10 4.52
CA LEU A 111 1.55 -9.88 3.61
C LEU A 111 1.88 -9.09 2.35
N ILE A 112 0.89 -8.39 1.78
CA ILE A 112 1.17 -7.61 0.58
C ILE A 112 2.03 -6.41 0.91
N LEU A 113 1.95 -5.89 2.13
CA LEU A 113 2.76 -4.73 2.50
C LEU A 113 4.24 -5.09 2.53
N ILE A 114 4.58 -6.28 3.04
CA ILE A 114 5.97 -6.70 3.02
C ILE A 114 6.41 -7.05 1.60
N ILE A 115 5.48 -7.56 0.78
CA ILE A 115 5.82 -7.84 -0.63
C ILE A 115 6.14 -6.55 -1.37
N VAL A 116 5.26 -5.56 -1.28
CA VAL A 116 5.52 -4.27 -1.90
C VAL A 116 6.82 -3.67 -1.37
N ALA A 117 6.99 -3.68 -0.06
CA ALA A 117 8.24 -3.21 0.54
C ALA A 117 9.43 -4.02 0.03
N THR A 118 9.26 -5.34 -0.09
CA THR A 118 10.33 -6.19 -0.59
C THR A 118 10.71 -5.83 -2.03
N ILE A 119 9.70 -5.50 -2.85
CA ILE A 119 9.96 -5.20 -4.25
C ILE A 119 10.71 -3.89 -4.40
N PHE A 120 10.24 -2.84 -3.71
CA PHE A 120 10.89 -1.54 -3.82
C PHE A 120 12.33 -1.56 -3.34
N GLN A 121 12.67 -2.47 -2.42
CA GLN A 121 14.06 -2.65 -2.02
C GLN A 121 14.93 -3.03 -3.22
N MET A 122 14.63 -4.17 -3.84
CA MET A 122 15.50 -4.71 -4.88
C MET A 122 15.49 -3.85 -6.13
N SER A 123 14.43 -3.09 -6.37
CA SER A 123 14.32 -2.29 -7.58
C SER A 123 14.89 -0.89 -7.40
N ALA A 124 15.66 -0.65 -6.34
CA ALA A 124 16.43 0.58 -6.21
C ALA A 124 17.30 0.74 -7.44
N PRO A 125 17.02 1.73 -8.29
CA PRO A 125 17.68 1.80 -9.59
C PRO A 125 19.19 1.81 -9.46
N SER A 126 19.86 1.16 -10.42
CA SER A 126 21.27 0.83 -10.29
C SER A 126 22.18 2.05 -10.38
N HIS A 127 21.68 3.17 -10.90
CA HIS A 127 22.52 4.32 -11.20
C HIS A 127 22.39 5.48 -10.20
N TRP A 128 21.64 5.33 -9.12
CA TRP A 128 21.66 6.38 -8.11
C TRP A 128 23.00 6.40 -7.37
N ASP A 129 23.10 7.33 -6.43
CA ASP A 129 24.28 7.42 -5.58
C ASP A 129 24.20 6.34 -4.50
N GLY A 130 25.31 6.15 -3.78
CA GLY A 130 25.33 5.15 -2.74
C GLY A 130 24.43 5.49 -1.57
N ASN A 131 24.58 6.70 -1.01
CA ASN A 131 23.81 7.08 0.18
C ASN A 131 22.32 7.11 -0.10
N ARG A 132 21.91 7.60 -1.28
CA ARG A 132 20.48 7.66 -1.59
C ARG A 132 19.86 6.27 -1.64
N VAL A 133 20.58 5.29 -2.18
CA VAL A 133 20.07 3.92 -2.22
C VAL A 133 19.88 3.38 -0.81
N LEU A 134 20.83 3.66 0.09
CA LEU A 134 20.71 3.20 1.47
C LEU A 134 19.46 3.77 2.13
N THR A 135 19.32 5.09 2.14
CA THR A 135 18.10 5.72 2.66
C THR A 135 16.86 5.17 1.97
N TRP A 136 16.98 4.83 0.69
CA TRP A 136 15.87 4.20 -0.03
C TRP A 136 15.49 2.86 0.59
N ILE A 137 16.49 2.10 1.04
CA ILE A 137 16.23 0.75 1.56
C ILE A 137 15.69 0.81 2.99
N THR A 138 16.22 1.73 3.81
CA THR A 138 15.77 1.84 5.19
C THR A 138 14.26 2.06 5.28
N ILE A 139 13.76 3.03 4.50
CA ILE A 139 12.33 3.33 4.50
C ILE A 139 11.52 2.09 4.17
N CYS A 140 11.96 1.33 3.17
CA CYS A 140 11.24 0.11 2.79
C CYS A 140 11.19 -0.89 3.94
N ARG A 141 12.31 -1.06 4.66
CA ARG A 141 12.33 -2.02 5.75
C ARG A 141 11.43 -1.61 6.91
N VAL A 142 11.25 -0.30 7.12
CA VAL A 142 10.32 0.16 8.14
C VAL A 142 8.91 -0.36 7.85
N PHE A 143 8.39 -0.03 6.67
CA PHE A 143 7.09 -0.55 6.26
C PHE A 143 7.10 -2.08 6.23
N LEU A 144 8.22 -2.68 5.79
CA LEU A 144 8.40 -4.12 5.91
C LEU A 144 8.15 -4.60 7.33
N GLY A 145 8.74 -3.89 8.31
CA GLY A 145 8.50 -4.23 9.71
C GLY A 145 7.05 -4.08 10.11
N ILE A 146 6.37 -3.06 9.59
CA ILE A 146 4.96 -2.84 9.92
C ILE A 146 4.14 -4.08 9.62
N GLY A 147 4.41 -4.74 8.49
CA GLY A 147 3.74 -5.99 8.19
C GLY A 147 4.16 -7.11 9.14
N ILE A 148 5.44 -7.13 9.53
CA ILE A 148 5.93 -8.16 10.44
C ILE A 148 5.23 -8.08 11.79
N GLY A 149 4.90 -6.87 12.24
CA GLY A 149 4.21 -6.73 13.52
C GLY A 149 2.79 -7.23 13.53
N GLY A 150 2.17 -7.34 12.35
CA GLY A 150 0.81 -7.84 12.24
C GLY A 150 0.67 -9.34 12.40
N ASP A 151 1.75 -10.09 12.20
CA ASP A 151 1.70 -11.55 12.23
C ASP A 151 1.90 -12.12 13.63
N TYR A 152 2.37 -11.31 14.58
CA TYR A 152 2.57 -11.81 15.94
C TYR A 152 1.30 -12.33 16.59
N PRO A 153 0.15 -11.65 16.55
CA PRO A 153 -1.03 -12.22 17.24
C PRO A 153 -1.49 -13.52 16.62
N MET A 154 -1.09 -13.83 15.40
CA MET A 154 -1.36 -15.14 14.82
C MET A 154 -0.65 -16.23 15.60
N SER A 155 0.69 -16.16 15.68
CA SER A 155 1.47 -17.28 16.18
C SER A 155 1.11 -17.62 17.63
N ALA A 156 0.80 -16.59 18.41
CA ALA A 156 0.58 -16.80 19.85
C ALA A 156 -0.79 -17.42 20.13
N THR A 157 -1.84 -16.78 19.61
CA THR A 157 -3.20 -17.11 20.02
C THR A 157 -3.75 -18.38 19.36
N VAL A 158 -3.25 -18.75 18.18
CA VAL A 158 -3.85 -19.87 17.47
C VAL A 158 -3.60 -21.22 18.14
N VAL A 159 -2.63 -21.29 19.05
CA VAL A 159 -2.27 -22.59 19.62
C VAL A 159 -2.72 -22.71 21.07
N SER A 160 -2.15 -21.88 21.95
CA SER A 160 -2.32 -22.06 23.39
C SER A 160 -3.79 -21.98 23.81
N ASP A 161 -4.45 -20.84 23.53
CA ASP A 161 -5.79 -20.65 24.05
C ASP A 161 -6.81 -21.53 23.36
N ARG A 162 -6.64 -21.83 22.07
CA ARG A 162 -7.53 -22.77 21.42
C ARG A 162 -7.38 -24.19 21.94
N ALA A 163 -6.22 -24.55 22.49
CA ALA A 163 -5.99 -25.92 22.91
C ALA A 163 -6.19 -26.13 24.40
N ASN A 164 -5.66 -25.23 25.23
CA ASN A 164 -5.73 -25.37 26.70
C ASN A 164 -5.27 -26.75 27.15
N ILE A 165 -4.16 -27.21 26.57
CA ILE A 165 -3.68 -28.58 26.78
C ILE A 165 -2.22 -28.52 27.20
N HIS A 166 -1.80 -29.53 27.96
CA HIS A 166 -0.40 -29.68 28.33
C HIS A 166 0.49 -29.77 27.09
N ARG A 167 1.78 -29.47 27.28
CA ARG A 167 2.80 -29.65 26.26
C ARG A 167 2.53 -28.80 25.03
N ARG A 168 1.91 -27.64 25.24
CA ARG A 168 1.72 -26.66 24.18
C ARG A 168 3.02 -26.03 23.74
N GLY A 169 3.99 -25.91 24.65
CA GLY A 169 5.24 -25.24 24.31
C GLY A 169 6.01 -25.93 23.20
N THR A 170 6.04 -27.27 23.23
CA THR A 170 6.66 -28.02 22.15
C THR A 170 6.08 -27.62 20.79
N LEU A 171 4.79 -27.29 20.75
CA LEU A 171 4.19 -26.85 19.50
C LEU A 171 4.62 -25.43 19.14
N LEU A 172 4.78 -24.57 20.14
CA LEU A 172 5.22 -23.20 19.88
C LEU A 172 6.66 -23.14 19.37
N CYS A 173 7.56 -23.90 20.01
CA CYS A 173 8.97 -23.88 19.63
C CYS A 173 9.16 -24.29 18.17
N PHE A 174 8.33 -25.20 17.67
CA PHE A 174 8.41 -25.59 16.27
C PHE A 174 8.23 -24.38 15.35
N ILE A 175 7.28 -23.51 15.68
CA ILE A 175 7.07 -22.31 14.88
C ILE A 175 8.25 -21.35 15.03
N PHE A 176 8.73 -21.16 16.27
CA PHE A 176 9.86 -20.29 16.49
C PHE A 176 11.13 -20.83 15.85
N ALA A 177 11.20 -22.14 15.59
CA ALA A 177 12.34 -22.72 14.91
C ALA A 177 12.50 -22.19 13.49
N ASN A 178 11.42 -21.70 12.88
CA ASN A 178 11.51 -21.11 11.55
C ASN A 178 12.40 -19.88 11.53
N GLN A 179 12.63 -19.25 12.69
CA GLN A 179 13.59 -18.16 12.77
C GLN A 179 14.98 -18.63 12.35
N GLY A 180 15.36 -19.84 12.75
CA GLY A 180 16.62 -20.39 12.30
C GLY A 180 16.65 -20.65 10.81
N TRP A 181 15.54 -21.16 10.27
CA TRP A 181 15.48 -21.41 8.84
C TRP A 181 15.55 -20.12 8.05
N GLY A 182 14.91 -19.05 8.55
CA GLY A 182 15.00 -17.77 7.86
C GLY A 182 16.42 -17.28 7.73
N SER A 183 17.18 -17.35 8.84
CA SER A 183 18.59 -16.97 8.80
C SER A 183 19.44 -18.03 8.09
N PHE A 184 19.06 -19.31 8.20
CA PHE A 184 19.83 -20.37 7.54
C PHE A 184 19.62 -20.35 6.03
N VAL A 185 18.36 -20.44 5.59
CA VAL A 185 18.07 -20.41 4.16
C VAL A 185 18.65 -19.14 3.54
N GLY A 186 18.56 -18.02 4.25
CA GLY A 186 19.21 -16.80 3.79
C GLY A 186 20.70 -16.99 3.57
N SER A 187 21.35 -17.77 4.45
CA SER A 187 22.75 -18.09 4.24
C SER A 187 22.92 -19.11 3.12
N LEU A 188 22.08 -20.13 3.08
CA LEU A 188 22.16 -21.15 2.03
C LEU A 188 21.90 -20.54 0.65
N VAL A 189 20.86 -19.71 0.55
CA VAL A 189 20.59 -19.01 -0.70
C VAL A 189 21.78 -18.18 -1.14
N THR A 190 22.50 -17.59 -0.19
CA THR A 190 23.59 -16.69 -0.52
C THR A 190 24.76 -17.44 -1.14
N ILE A 191 25.25 -18.50 -0.49
CA ILE A 191 26.39 -19.24 -1.00
C ILE A 191 26.10 -19.83 -2.38
N VAL A 192 24.90 -20.36 -2.58
CA VAL A 192 24.53 -20.93 -3.87
C VAL A 192 24.45 -19.83 -4.93
N THR A 193 23.93 -18.66 -4.56
CA THR A 193 23.86 -17.54 -5.48
C THR A 193 25.26 -17.07 -5.88
N ILE A 194 26.14 -16.90 -4.89
CA ILE A 194 27.49 -16.42 -5.18
C ILE A 194 28.25 -17.45 -6.02
N SER A 195 28.13 -18.73 -5.67
CA SER A 195 28.77 -19.77 -6.46
C SER A 195 28.29 -19.79 -7.90
N GLY A 196 27.01 -19.47 -8.12
CA GLY A 196 26.51 -19.37 -9.48
C GLY A 196 27.12 -18.22 -10.25
N PHE A 197 27.28 -17.07 -9.60
CA PHE A 197 27.90 -15.91 -10.24
C PHE A 197 29.40 -16.09 -10.40
N LYS A 198 30.03 -16.90 -9.54
CA LYS A 198 31.48 -17.05 -9.55
C LYS A 198 31.98 -17.86 -10.74
N HIS A 199 31.12 -18.71 -11.32
CA HIS A 199 31.58 -19.66 -12.35
C HIS A 199 32.46 -18.99 -13.39
N ARG A 200 32.08 -17.79 -13.83
CA ARG A 200 32.90 -16.96 -14.71
C ARG A 200 32.58 -15.49 -14.51
N LEU A 201 31.30 -15.19 -14.25
CA LEU A 201 30.83 -13.82 -14.33
C LEU A 201 31.55 -12.91 -13.32
N LYS A 202 31.89 -13.44 -12.15
CA LYS A 202 32.64 -12.63 -11.19
C LYS A 202 34.05 -12.37 -11.67
N SER A 203 34.64 -13.30 -12.43
CA SER A 203 35.97 -13.10 -13.01
C SER A 203 35.86 -12.20 -14.25
N GLY A 204 35.61 -10.92 -13.99
CA GLY A 204 35.44 -9.96 -15.06
C GLY A 204 34.34 -8.94 -14.80
N HIS A 205 33.12 -9.43 -14.59
CA HIS A 205 31.94 -8.58 -14.37
C HIS A 205 31.70 -8.50 -12.87
N THR A 206 32.16 -7.41 -12.26
CA THR A 206 32.08 -7.26 -10.81
C THR A 206 30.82 -6.53 -10.36
N HIS A 207 30.26 -5.66 -11.20
CA HIS A 207 29.03 -4.96 -10.83
C HIS A 207 27.82 -5.87 -10.72
N ASP A 208 27.90 -7.11 -11.20
CA ASP A 208 26.73 -7.99 -11.16
C ASP A 208 26.36 -8.44 -9.74
N VAL A 209 27.22 -8.19 -8.75
CA VAL A 209 26.81 -8.33 -7.36
C VAL A 209 25.65 -7.41 -7.03
N ASP A 210 25.49 -6.31 -7.77
CA ASP A 210 24.30 -5.48 -7.64
C ASP A 210 23.03 -6.30 -7.90
N LYS A 211 23.07 -7.21 -8.88
CA LYS A 211 21.94 -8.10 -9.10
C LYS A 211 21.77 -9.09 -7.95
N ALA A 212 22.89 -9.54 -7.37
CA ALA A 212 22.86 -10.59 -6.35
C ALA A 212 21.97 -10.21 -5.17
N TRP A 213 22.26 -9.07 -4.53
CA TRP A 213 21.48 -8.65 -3.37
C TRP A 213 20.02 -8.41 -3.73
N ARG A 214 19.75 -8.03 -4.98
CA ARG A 214 18.37 -7.89 -5.41
C ARG A 214 17.67 -9.26 -5.50
N ILE A 215 18.43 -10.32 -5.77
CA ILE A 215 17.86 -11.66 -5.82
C ILE A 215 17.62 -12.22 -4.43
N LEU A 216 18.56 -11.99 -3.51
CA LEU A 216 18.40 -12.44 -2.13
C LEU A 216 17.11 -11.91 -1.52
N ILE A 217 16.81 -10.63 -1.77
CA ILE A 217 15.57 -10.05 -1.26
C ILE A 217 14.38 -10.56 -2.05
N GLY A 218 14.57 -10.78 -3.36
CA GLY A 218 13.45 -11.14 -4.22
C GLY A 218 12.91 -12.54 -4.02
N LEU A 219 13.78 -13.50 -3.71
CA LEU A 219 13.35 -14.89 -3.59
C LEU A 219 12.32 -15.11 -2.50
N SER A 220 12.16 -14.16 -1.57
CA SER A 220 11.09 -14.27 -0.60
C SER A 220 9.70 -14.08 -1.22
N LEU A 221 9.62 -13.59 -2.46
CA LEU A 221 8.34 -13.39 -3.10
C LEU A 221 7.66 -14.72 -3.47
N ILE A 222 8.46 -15.74 -3.82
CA ILE A 222 7.87 -17.02 -4.21
C ILE A 222 7.09 -17.66 -3.08
N PRO A 223 7.62 -17.81 -1.85
CA PRO A 223 6.76 -18.27 -0.76
C PRO A 223 5.68 -17.26 -0.41
N ALA A 224 5.98 -15.96 -0.55
CA ALA A 224 4.98 -14.93 -0.28
C ALA A 224 3.77 -15.08 -1.18
N PHE A 225 4.01 -15.29 -2.49
CA PHE A 225 2.89 -15.53 -3.39
C PHE A 225 2.21 -16.86 -3.09
N GLY A 226 2.97 -17.86 -2.64
CA GLY A 226 2.35 -19.10 -2.22
C GLY A 226 1.45 -18.91 -1.02
N THR A 227 1.84 -18.03 -0.10
CA THR A 227 1.00 -17.74 1.05
C THR A 227 -0.30 -17.07 0.64
N LEU A 228 -0.21 -16.03 -0.20
CA LEU A 228 -1.42 -15.41 -0.75
C LEU A 228 -2.30 -16.46 -1.42
N TYR A 229 -1.67 -17.36 -2.18
CA TYR A 229 -2.40 -18.46 -2.80
C TYR A 229 -3.01 -19.36 -1.73
N GLN A 230 -2.43 -19.38 -0.52
CA GLN A 230 -3.00 -20.10 0.61
C GLN A 230 -4.01 -19.25 1.38
N ARG A 231 -3.75 -17.94 1.56
CA ARG A 231 -4.77 -17.06 2.12
C ARG A 231 -6.04 -17.06 1.26
N LEU A 232 -5.86 -16.99 -0.06
CA LEU A 232 -7.03 -16.91 -0.95
C LEU A 232 -7.79 -18.22 -0.99
N THR A 233 -7.08 -19.33 -1.14
CA THR A 233 -7.73 -20.63 -1.19
C THR A 233 -7.87 -21.23 0.21
N HIS A 289 -18.88 3.47 18.15
CA HIS A 289 -20.01 2.98 18.93
C HIS A 289 -19.55 2.09 20.07
N GLY A 290 -19.37 2.68 21.26
CA GLY A 290 -18.93 1.92 22.40
C GLY A 290 -17.52 1.37 22.31
N VAL A 291 -16.72 1.84 21.36
CA VAL A 291 -15.37 1.31 21.21
C VAL A 291 -14.50 1.76 22.37
N ILE A 292 -14.56 3.04 22.73
CA ILE A 292 -13.74 3.56 23.82
C ILE A 292 -14.28 3.10 25.16
N ALA A 293 -15.60 3.02 25.31
CA ALA A 293 -16.19 2.56 26.57
C ALA A 293 -15.85 1.10 26.84
N SER A 294 -15.81 0.27 25.81
CA SER A 294 -15.45 -1.13 25.99
C SER A 294 -13.95 -1.32 26.10
N LYS A 295 -13.17 -0.46 25.44
CA LYS A 295 -11.71 -0.57 25.51
C LYS A 295 -11.21 -0.20 26.89
N LYS A 296 -11.70 0.91 27.44
CA LYS A 296 -11.30 1.32 28.78
C LYS A 296 -11.91 0.46 29.88
N ALA A 297 -12.75 -0.51 29.53
CA ALA A 297 -13.30 -1.39 30.55
C ALA A 297 -12.31 -2.48 30.93
N HIS A 298 -11.73 -3.16 29.93
CA HIS A 298 -10.75 -4.18 30.23
C HIS A 298 -9.45 -3.60 30.77
N TRP A 299 -9.24 -2.29 30.62
CA TRP A 299 -8.04 -1.66 31.17
C TRP A 299 -8.12 -1.58 32.69
N GLN A 300 -9.30 -1.26 33.23
CA GLN A 300 -9.46 -1.27 34.68
C GLN A 300 -9.22 -2.65 35.25
N GLU A 301 -9.68 -3.69 34.54
CA GLU A 301 -9.39 -5.06 34.93
C GLU A 301 -7.90 -5.37 34.85
N PHE A 302 -7.25 -4.95 33.76
CA PHE A 302 -5.82 -5.18 33.61
C PHE A 302 -5.03 -4.55 34.75
N VAL A 303 -5.33 -3.30 35.07
CA VAL A 303 -4.63 -2.61 36.14
C VAL A 303 -4.84 -3.31 37.48
N ALA A 304 -6.07 -3.76 37.74
CA ALA A 304 -6.37 -4.42 39.00
C ALA A 304 -5.61 -5.73 39.13
N TYR A 305 -5.49 -6.48 38.03
CA TYR A 305 -4.79 -7.76 38.08
C TYR A 305 -3.31 -7.56 38.42
N PHE A 306 -2.64 -6.69 37.68
CA PHE A 306 -1.20 -6.51 37.84
C PHE A 306 -0.83 -5.49 38.91
N SER A 307 -1.80 -5.09 39.74
CA SER A 307 -1.52 -4.33 40.95
C SER A 307 -1.22 -5.22 42.14
N THR A 308 -1.14 -6.54 41.93
CA THR A 308 -0.77 -7.50 42.95
C THR A 308 0.65 -7.99 42.68
N TRP A 309 1.45 -8.09 43.74
CA TRP A 309 2.87 -8.39 43.61
C TRP A 309 3.12 -9.65 42.79
N ASN A 310 2.58 -10.78 43.22
CA ASN A 310 2.83 -12.04 42.54
C ASN A 310 2.37 -11.98 41.08
N HIS A 311 1.27 -11.27 40.82
CA HIS A 311 0.82 -11.09 39.45
C HIS A 311 1.67 -10.07 38.70
N PHE A 312 2.23 -9.10 39.42
CA PHE A 312 3.01 -8.03 38.79
C PHE A 312 4.39 -8.50 38.36
N ARG A 313 5.06 -9.29 39.21
CA ARG A 313 6.44 -9.69 38.91
C ARG A 313 6.54 -10.50 37.63
N ASN A 314 5.48 -11.21 37.25
CA ASN A 314 5.56 -12.07 36.07
C ASN A 314 5.68 -11.26 34.78
N LEU A 315 5.17 -10.03 34.77
CA LEU A 315 5.34 -9.18 33.60
C LEU A 315 6.79 -8.73 33.46
N LEU A 316 7.43 -8.35 34.57
CA LEU A 316 8.81 -7.88 34.52
C LEU A 316 9.73 -8.91 33.87
N GLY A 317 9.65 -10.17 34.32
CA GLY A 317 10.49 -11.19 33.74
C GLY A 317 10.29 -11.38 32.25
N SER A 318 9.03 -11.32 31.80
CA SER A 318 8.74 -11.44 30.38
C SER A 318 9.32 -10.25 29.61
N MET A 319 9.06 -9.04 30.09
CA MET A 319 9.56 -7.85 29.41
C MET A 319 11.08 -7.77 29.47
N LEU A 320 11.66 -7.98 30.65
CA LEU A 320 13.11 -7.86 30.81
C LEU A 320 13.85 -8.87 29.94
N GLY A 321 13.57 -10.16 30.15
CA GLY A 321 14.28 -11.19 29.42
C GLY A 321 14.22 -10.99 27.91
N TRP A 322 13.03 -10.71 27.39
CA TRP A 322 12.88 -10.49 25.95
C TRP A 322 13.61 -9.23 25.52
N PHE A 323 13.55 -8.17 26.33
CA PHE A 323 14.25 -6.94 26.01
C PHE A 323 15.76 -7.18 25.92
N LEU A 324 16.31 -7.97 26.84
CA LEU A 324 17.75 -8.14 26.93
C LEU A 324 18.29 -9.07 25.85
N VAL A 325 17.57 -10.14 25.52
CA VAL A 325 18.06 -11.05 24.48
C VAL A 325 18.12 -10.34 23.15
N ASP A 326 17.03 -9.67 22.76
CA ASP A 326 16.97 -9.02 21.45
C ASP A 326 18.02 -7.95 21.31
N ILE A 327 18.54 -7.42 22.43
CA ILE A 327 19.71 -6.55 22.36
C ILE A 327 20.88 -7.32 21.76
N ALA A 328 21.30 -8.39 22.42
CA ALA A 328 22.41 -9.17 21.92
C ALA A 328 22.00 -10.05 20.74
N PHE A 329 20.76 -10.55 20.73
CA PHE A 329 20.32 -11.42 19.65
C PHE A 329 20.29 -10.67 18.31
N PHE A 330 19.46 -9.63 18.22
CA PHE A 330 19.37 -8.88 16.98
C PHE A 330 20.58 -7.97 16.78
N GLY A 331 21.10 -7.39 17.86
CA GLY A 331 22.31 -6.60 17.75
C GLY A 331 23.47 -7.38 17.14
N ILE A 332 23.48 -8.69 17.31
CA ILE A 332 24.51 -9.53 16.70
C ILE A 332 24.04 -10.10 15.37
N ASN A 333 22.85 -10.71 15.33
CA ASN A 333 22.42 -11.41 14.13
C ASN A 333 22.20 -10.44 12.96
N LEU A 334 21.70 -9.24 13.24
CA LEU A 334 21.61 -8.25 12.18
C LEU A 334 22.98 -7.75 11.74
N ASN A 335 24.00 -7.88 12.59
CA ASN A 335 25.36 -7.46 12.28
C ASN A 335 26.33 -8.64 12.39
N GLN A 336 25.83 -9.85 12.16
CA GLN A 336 26.65 -11.05 12.32
C GLN A 336 27.81 -11.08 11.34
N SER A 337 27.60 -10.61 10.11
CA SER A 337 28.69 -10.56 9.14
C SER A 337 29.77 -9.58 9.56
N VAL A 338 29.41 -8.51 10.27
CA VAL A 338 30.39 -7.54 10.74
C VAL A 338 31.30 -8.17 11.79
N VAL A 339 30.73 -8.95 12.70
CA VAL A 339 31.53 -9.63 13.71
C VAL A 339 32.49 -10.62 13.06
N LEU A 340 31.98 -11.39 12.09
CA LEU A 340 32.84 -12.31 11.35
C LEU A 340 33.96 -11.58 10.61
N ALA A 341 33.72 -10.34 10.19
CA ALA A 341 34.78 -9.55 9.57
C ALA A 341 35.88 -9.21 10.56
N GLN A 342 35.53 -9.00 11.83
CA GLN A 342 36.54 -8.75 12.85
C GLN A 342 37.45 -9.95 13.07
N ILE A 343 36.92 -11.16 12.83
CA ILE A 343 37.68 -12.40 12.96
C ILE A 343 38.45 -12.61 11.65
N GLY A 344 39.29 -13.63 11.59
CA GLY A 344 40.11 -13.92 10.42
C GLY A 344 39.31 -14.10 9.14
N PHE A 345 37.99 -14.23 9.26
CA PHE A 345 37.12 -14.42 8.11
C PHE A 345 37.21 -13.28 7.11
N ALA A 346 37.81 -12.15 7.46
CA ALA A 346 37.92 -11.03 6.52
C ALA A 346 38.69 -11.50 5.29
N GLY A 347 39.99 -11.75 5.42
CA GLY A 347 40.72 -12.24 4.27
C GLY A 347 42.09 -11.65 4.03
N LYS A 348 42.13 -10.41 3.56
CA LYS A 348 43.34 -9.66 3.20
C LYS A 348 44.00 -10.23 1.96
N THR A 349 43.50 -11.34 1.40
CA THR A 349 44.01 -11.91 0.16
C THR A 349 42.85 -12.52 -0.60
N GLY A 350 43.00 -12.62 -1.91
CA GLY A 350 41.99 -13.20 -2.77
C GLY A 350 41.24 -12.15 -3.57
N ASP A 351 40.46 -12.64 -4.54
CA ASP A 351 39.66 -11.74 -5.35
C ASP A 351 38.39 -11.35 -4.61
N VAL A 352 37.54 -10.57 -5.28
CA VAL A 352 36.30 -10.13 -4.66
C VAL A 352 35.39 -11.32 -4.33
N TYR A 353 35.40 -12.36 -5.16
CA TYR A 353 34.57 -13.52 -4.90
C TYR A 353 34.97 -14.24 -3.62
N ASP A 354 36.27 -14.53 -3.47
CA ASP A 354 36.75 -15.22 -2.28
C ASP A 354 36.35 -14.47 -1.01
N LYS A 355 36.34 -13.14 -1.08
CA LYS A 355 35.91 -12.33 0.05
C LYS A 355 34.44 -12.58 0.39
N LEU A 356 33.57 -12.57 -0.62
CA LEU A 356 32.14 -12.77 -0.39
C LEU A 356 31.83 -14.21 0.00
N PHE A 357 32.51 -15.18 -0.62
CA PHE A 357 32.22 -16.58 -0.33
C PHE A 357 32.63 -16.97 1.08
N GLN A 358 33.80 -16.50 1.52
CA GLN A 358 34.24 -16.81 2.88
C GLN A 358 33.31 -16.22 3.92
N LEU A 359 32.88 -14.97 3.72
CA LEU A 359 31.92 -14.36 4.64
C LEU A 359 30.61 -15.12 4.64
N ALA A 360 30.11 -15.49 3.46
CA ALA A 360 28.91 -16.31 3.39
C ALA A 360 29.15 -17.71 3.96
N THR A 361 30.38 -18.22 3.82
CA THR A 361 30.72 -19.49 4.45
C THR A 361 30.64 -19.39 5.97
N GLY A 362 30.99 -18.24 6.54
CA GLY A 362 30.92 -18.09 7.98
C GLY A 362 29.49 -18.03 8.50
N ASN A 363 28.62 -17.28 7.81
CA ASN A 363 27.23 -17.18 8.25
C ASN A 363 26.52 -18.52 8.21
N ILE A 364 26.73 -19.29 7.13
CA ILE A 364 26.08 -20.59 7.01
C ILE A 364 26.55 -21.55 8.11
N ILE A 365 27.82 -21.45 8.49
CA ILE A 365 28.34 -22.32 9.54
C ILE A 365 27.71 -21.98 10.89
N VAL A 366 27.76 -20.71 11.28
CA VAL A 366 27.23 -20.31 12.57
C VAL A 366 25.74 -20.61 12.67
N THR A 367 25.01 -20.36 11.59
CA THR A 367 23.56 -20.55 11.63
C THR A 367 23.17 -22.02 11.55
N ALA A 368 24.00 -22.86 10.93
CA ALA A 368 23.69 -24.28 10.86
C ALA A 368 24.11 -25.01 12.12
N LEU A 369 25.24 -24.63 12.72
CA LEU A 369 25.75 -25.32 13.88
C LEU A 369 25.22 -24.77 15.19
N GLY A 370 24.84 -23.50 15.24
CA GLY A 370 24.39 -22.91 16.49
C GLY A 370 23.01 -22.28 16.44
N PHE A 371 22.85 -21.27 15.58
CA PHE A 371 21.62 -20.48 15.53
C PHE A 371 20.39 -21.37 15.40
N LEU A 372 20.41 -22.30 14.45
CA LEU A 372 19.23 -23.09 14.14
C LEU A 372 19.05 -24.25 15.11
N PRO A 373 20.03 -25.14 15.30
CA PRO A 373 19.79 -26.31 16.17
C PRO A 373 19.41 -25.95 17.58
N GLY A 374 19.77 -24.75 18.06
CA GLY A 374 19.31 -24.32 19.37
C GLY A 374 17.80 -24.32 19.49
N TYR A 375 17.11 -24.11 18.37
CA TYR A 375 15.65 -24.20 18.40
C TYR A 375 15.19 -25.64 18.61
N TYR A 376 15.87 -26.59 17.97
CA TYR A 376 15.45 -27.99 18.06
C TYR A 376 15.93 -28.63 19.35
N PHE A 377 17.08 -28.20 19.87
CA PHE A 377 17.44 -28.56 21.24
C PHE A 377 16.39 -28.04 22.21
N THR A 378 15.94 -26.80 22.01
CA THR A 378 14.83 -26.25 22.77
C THR A 378 13.56 -27.06 22.54
N LEU A 379 13.36 -27.52 21.31
CA LEU A 379 12.12 -28.20 20.93
C LEU A 379 11.89 -29.47 21.74
N PHE A 380 12.97 -30.16 22.15
CA PHE A 380 12.87 -31.46 22.77
C PHE A 380 12.99 -31.42 24.29
N LEU A 381 13.11 -30.24 24.89
CA LEU A 381 13.44 -30.17 26.32
C LEU A 381 12.67 -29.13 27.11
N ILE A 382 11.93 -28.22 26.47
CA ILE A 382 11.19 -27.20 27.22
C ILE A 382 10.13 -27.84 28.11
N ASP A 383 9.43 -28.85 27.61
CA ASP A 383 8.39 -29.53 28.39
C ASP A 383 8.95 -30.65 29.26
N ILE A 384 10.27 -30.79 29.33
CA ILE A 384 10.92 -31.73 30.21
C ILE A 384 11.70 -31.01 31.31
N VAL A 385 12.54 -30.05 30.92
CA VAL A 385 13.37 -29.35 31.89
C VAL A 385 12.68 -28.10 32.42
N GLY A 386 12.03 -27.33 31.55
CA GLY A 386 11.39 -26.10 31.97
C GLY A 386 11.90 -24.87 31.25
N ARG A 387 11.09 -23.80 31.28
CA ARG A 387 11.45 -22.58 30.56
C ARG A 387 12.55 -21.81 31.30
N LYS A 388 12.30 -21.48 32.58
CA LYS A 388 13.26 -20.73 33.37
C LYS A 388 14.63 -21.39 33.37
N LYS A 389 14.66 -22.73 33.47
CA LYS A 389 15.93 -23.44 33.56
C LYS A 389 16.75 -23.29 32.29
N LEU A 390 16.10 -23.34 31.12
CA LEU A 390 16.82 -23.06 29.88
C LEU A 390 17.18 -21.58 29.78
N GLN A 391 16.29 -20.69 30.23
CA GLN A 391 16.56 -19.26 30.18
C GLN A 391 17.80 -18.89 30.98
N PHE A 392 17.96 -19.49 32.17
CA PHE A 392 19.18 -19.29 32.95
C PHE A 392 20.40 -19.68 32.14
N MET A 393 20.42 -20.92 31.63
CA MET A 393 21.54 -21.40 30.82
C MET A 393 21.76 -20.51 29.60
N GLY A 394 20.69 -20.19 28.87
CA GLY A 394 20.81 -19.35 27.70
C GLY A 394 21.51 -18.03 28.00
N PHE A 395 21.05 -17.34 29.04
CA PHE A 395 21.72 -16.11 29.46
C PHE A 395 23.14 -16.39 29.94
N ILE A 396 23.30 -17.35 30.85
CA ILE A 396 24.58 -17.51 31.54
C ILE A 396 25.64 -18.07 30.61
N MET A 397 25.26 -18.95 29.67
CA MET A 397 26.25 -19.53 28.77
C MET A 397 26.63 -18.54 27.68
N SER A 398 25.64 -18.00 26.96
CA SER A 398 25.92 -16.96 25.98
C SER A 398 26.70 -15.81 26.61
N GLY A 399 26.36 -15.45 27.86
CA GLY A 399 27.15 -14.45 28.56
C GLY A 399 28.57 -14.90 28.78
N LEU A 400 28.75 -16.16 29.19
CA LEU A 400 30.09 -16.69 29.42
C LEU A 400 30.97 -16.51 28.17
N PHE A 401 30.49 -17.00 27.03
CA PHE A 401 31.28 -16.88 25.80
C PHE A 401 31.45 -15.43 25.39
N LEU A 402 30.41 -14.60 25.59
CA LEU A 402 30.53 -13.17 25.31
C LEU A 402 31.67 -12.54 26.10
N ALA A 403 31.96 -13.05 27.29
CA ALA A 403 33.10 -12.55 28.06
C ALA A 403 34.41 -13.03 27.45
N ILE A 404 34.43 -14.27 26.96
CA ILE A 404 35.66 -14.80 26.33
C ILE A 404 35.98 -14.02 25.06
N LEU A 405 34.96 -13.77 24.22
CA LEU A 405 35.15 -12.96 23.03
C LEU A 405 35.83 -11.63 23.36
N ALA A 406 35.16 -10.81 24.16
CA ALA A 406 35.63 -9.45 24.42
C ALA A 406 37.05 -9.45 24.99
N GLY A 407 37.30 -10.29 25.99
CA GLY A 407 38.61 -10.31 26.61
C GLY A 407 39.70 -10.93 25.76
N GLU A 408 39.35 -11.61 24.67
CA GLU A 408 40.34 -12.30 23.86
C GLU A 408 40.16 -12.09 22.35
N ILE A 409 39.24 -11.20 21.94
CA ILE A 409 39.03 -10.97 20.52
C ILE A 409 40.26 -10.36 19.86
N ASP A 410 41.02 -9.55 20.62
CA ASP A 410 42.20 -8.88 20.09
C ASP A 410 43.49 -9.59 20.50
N HIS A 411 43.40 -10.83 20.97
CA HIS A 411 44.57 -11.54 21.45
C HIS A 411 44.61 -13.01 21.04
N ILE A 412 43.64 -13.48 20.25
CA ILE A 412 43.51 -14.89 19.92
C ILE A 412 43.09 -15.01 18.46
N GLY A 413 43.54 -16.10 17.82
CA GLY A 413 43.30 -16.32 16.41
C GLY A 413 41.89 -16.76 16.09
N LYS A 414 41.63 -16.88 14.79
CA LYS A 414 40.36 -17.31 14.21
C LYS A 414 39.68 -18.48 14.91
N GLY A 415 40.46 -19.47 15.35
CA GLY A 415 39.92 -20.73 15.80
C GLY A 415 39.04 -20.65 17.03
N PRO A 416 39.66 -20.37 18.18
CA PRO A 416 38.90 -20.33 19.44
C PRO A 416 37.74 -19.35 19.42
N LEU A 417 37.88 -18.21 18.74
CA LEU A 417 36.84 -17.21 18.75
C LEU A 417 35.60 -17.66 17.98
N LEU A 418 35.78 -18.48 16.95
CA LEU A 418 34.65 -18.96 16.16
C LEU A 418 33.69 -19.79 17.03
N ALA A 419 34.22 -20.79 17.74
CA ALA A 419 33.36 -21.73 18.45
C ALA A 419 32.55 -21.04 19.53
N CYS A 420 33.20 -20.19 20.33
CA CYS A 420 32.48 -19.45 21.36
C CYS A 420 31.37 -18.59 20.77
N PHE A 421 31.56 -18.09 19.54
CA PHE A 421 30.51 -17.33 18.88
C PHE A 421 29.37 -18.24 18.44
N THR A 422 29.70 -19.40 17.85
CA THR A 422 28.65 -20.34 17.44
C THR A 422 27.93 -20.91 18.65
N PHE A 423 28.67 -21.29 19.70
CA PHE A 423 28.04 -21.72 20.93
C PHE A 423 27.10 -20.65 21.48
N MET A 424 27.52 -19.39 21.40
CA MET A 424 26.67 -18.29 21.86
C MET A 424 25.35 -18.26 21.11
N GLN A 425 25.42 -18.18 19.78
CA GLN A 425 24.21 -18.25 18.96
C GLN A 425 23.42 -19.51 19.25
N PHE A 426 24.11 -20.63 19.47
CA PHE A 426 23.42 -21.85 19.88
C PHE A 426 22.61 -21.63 21.15
N PHE A 427 23.19 -20.93 22.14
CA PHE A 427 22.56 -20.81 23.44
C PHE A 427 21.54 -19.69 23.53
N PHE A 428 21.55 -18.74 22.58
CA PHE A 428 20.44 -17.79 22.51
C PHE A 428 19.14 -18.52 22.23
N ASN A 429 19.06 -19.20 21.09
CA ASN A 429 17.84 -19.90 20.71
C ASN A 429 17.60 -21.11 21.58
N PHE A 430 18.66 -21.75 22.08
CA PHE A 430 18.50 -22.87 22.98
C PHE A 430 18.12 -22.42 24.39
N GLY A 431 18.35 -21.16 24.71
CA GLY A 431 17.98 -20.67 26.01
C GLY A 431 16.93 -19.58 26.00
N ALA A 432 17.39 -18.34 26.13
CA ALA A 432 16.50 -17.25 26.49
C ALA A 432 15.71 -16.70 25.30
N ASN A 433 16.34 -16.62 24.11
CA ASN A 433 15.64 -16.06 22.96
C ASN A 433 14.34 -16.79 22.67
N THR A 434 14.35 -18.13 22.76
CA THR A 434 13.13 -18.88 22.54
C THR A 434 12.25 -18.88 23.78
N THR A 435 12.88 -18.88 24.96
CA THR A 435 12.12 -18.95 26.21
C THR A 435 11.29 -17.69 26.41
N THR A 436 11.91 -16.52 26.24
CA THR A 436 11.20 -15.26 26.45
C THR A 436 9.95 -15.15 25.59
N PHE A 437 9.98 -15.70 24.37
CA PHE A 437 8.79 -15.70 23.53
C PHE A 437 7.72 -16.63 24.08
N ILE A 438 8.12 -17.82 24.54
CA ILE A 438 7.15 -18.83 24.98
C ILE A 438 6.57 -18.46 26.34
N VAL A 439 7.42 -17.96 27.25
CA VAL A 439 6.96 -17.65 28.61
C VAL A 439 5.87 -16.59 28.59
N ALA A 440 6.02 -15.58 27.73
CA ALA A 440 5.07 -14.48 27.69
C ALA A 440 3.65 -14.92 27.34
N ALA A 441 3.50 -16.11 26.75
CA ALA A 441 2.19 -16.63 26.38
C ALA A 441 1.67 -17.68 27.34
N GLU A 442 2.50 -18.21 28.24
CA GLU A 442 2.11 -19.29 29.12
C GLU A 442 1.82 -18.83 30.55
N LEU A 443 2.11 -17.58 30.89
CA LEU A 443 1.95 -17.10 32.25
C LEU A 443 0.58 -16.50 32.52
N PHE A 444 -0.06 -15.91 31.51
CA PHE A 444 -1.16 -15.00 31.78
C PHE A 444 -2.51 -15.64 31.48
N PRO A 445 -3.52 -15.37 32.30
CA PRO A 445 -4.89 -15.80 31.96
C PRO A 445 -5.32 -15.20 30.64
N THR A 446 -6.17 -15.94 29.93
CA THR A 446 -6.61 -15.52 28.60
C THR A 446 -7.25 -14.13 28.62
N ARG A 447 -7.86 -13.73 29.74
CA ARG A 447 -8.52 -12.44 29.82
C ARG A 447 -7.59 -11.25 29.68
N ILE A 448 -6.27 -11.45 29.80
CA ILE A 448 -5.33 -10.34 29.77
C ILE A 448 -4.10 -10.69 28.94
N ARG A 449 -4.07 -11.91 28.38
CA ARG A 449 -2.88 -12.38 27.68
C ARG A 449 -2.55 -11.49 26.48
N ALA A 450 -3.56 -10.91 25.84
CA ALA A 450 -3.32 -10.12 24.62
C ALA A 450 -2.45 -8.91 24.91
N SER A 451 -2.78 -8.17 25.96
CA SER A 451 -2.01 -6.97 26.30
C SER A 451 -0.59 -7.33 26.76
N ALA A 452 -0.48 -8.29 27.68
CA ALA A 452 0.82 -8.64 28.24
C ALA A 452 1.79 -9.12 27.16
N HIS A 453 1.34 -10.02 26.28
CA HIS A 453 2.21 -10.52 25.23
C HIS A 453 2.64 -9.41 24.29
N GLY A 454 1.73 -8.48 23.98
CA GLY A 454 2.09 -7.36 23.13
C GLY A 454 3.09 -6.44 23.78
N ILE A 455 2.95 -6.21 25.09
CA ILE A 455 3.90 -5.36 25.81
C ILE A 455 5.28 -6.02 25.85
N SER A 456 5.32 -7.28 26.28
CA SER A 456 6.60 -7.99 26.37
C SER A 456 7.29 -8.04 25.02
N ALA A 457 6.54 -8.38 23.96
CA ALA A 457 7.12 -8.39 22.62
C ALA A 457 7.67 -7.03 22.25
N ALA A 458 6.88 -5.97 22.45
CA ALA A 458 7.32 -4.61 22.16
C ALA A 458 8.61 -4.29 22.91
N ALA A 459 8.68 -4.66 24.19
CA ALA A 459 9.92 -4.51 24.95
C ALA A 459 11.07 -5.24 24.26
N GLY A 460 10.81 -6.46 23.79
CA GLY A 460 11.84 -7.18 23.04
C GLY A 460 12.27 -6.44 21.80
N LYS A 461 11.31 -5.85 21.07
CA LYS A 461 11.68 -5.11 19.87
C LYS A 461 12.52 -3.90 20.22
N CYS A 462 12.19 -3.22 21.33
CA CYS A 462 12.99 -2.08 21.77
C CYS A 462 14.44 -2.50 21.99
N GLY A 463 14.65 -3.61 22.69
CA GLY A 463 16.00 -4.14 22.82
C GLY A 463 16.61 -4.47 21.48
N ALA A 464 15.79 -5.00 20.56
CA ALA A 464 16.27 -5.28 19.22
C ALA A 464 16.68 -4.00 18.51
N ILE A 465 15.83 -2.97 18.57
CA ILE A 465 16.13 -1.75 17.84
C ILE A 465 17.27 -0.98 18.47
N LEU A 466 17.40 -1.03 19.81
CA LEU A 466 18.48 -0.31 20.48
C LEU A 466 19.84 -0.76 19.96
N SER A 467 20.20 -2.01 20.22
CA SER A 467 21.46 -2.55 19.72
C SER A 467 21.57 -2.39 18.21
N SER A 468 20.50 -2.70 17.48
CA SER A 468 20.53 -2.56 16.02
C SER A 468 20.82 -1.13 15.60
N LEU A 469 20.28 -0.15 16.32
CA LEU A 469 20.48 1.25 15.97
C LEU A 469 21.86 1.77 16.36
N VAL A 470 22.53 1.14 17.32
CA VAL A 470 23.74 1.71 17.90
C VAL A 470 24.93 0.76 17.83
N PHE A 471 24.76 -0.46 17.32
CA PHE A 471 25.83 -1.45 17.34
C PHE A 471 27.07 -0.94 16.61
N ASN A 472 26.95 -0.69 15.31
CA ASN A 472 28.12 -0.36 14.50
C ASN A 472 28.71 0.99 14.88
N GLN A 473 27.90 1.92 15.39
CA GLN A 473 28.41 3.23 15.78
C GLN A 473 29.37 3.11 16.96
N LEU A 474 28.95 2.45 18.04
CA LEU A 474 29.82 2.27 19.19
C LEU A 474 31.09 1.52 18.82
N LYS A 475 30.97 0.52 17.93
CA LYS A 475 32.13 -0.26 17.50
C LYS A 475 33.32 0.61 17.14
N ALA A 476 33.09 1.76 16.50
CA ALA A 476 34.18 2.66 16.17
C ALA A 476 34.55 3.61 17.30
N LYS A 477 33.60 3.94 18.17
CA LYS A 477 33.84 4.89 19.25
C LYS A 477 34.41 4.23 20.51
N ILE A 478 33.98 3.01 20.81
CA ILE A 478 34.32 2.38 22.09
C ILE A 478 35.10 1.09 21.94
N GLY A 479 35.05 0.43 20.78
CA GLY A 479 35.72 -0.83 20.64
C GLY A 479 34.73 -1.99 20.68
N THR A 480 35.03 -3.02 19.88
CA THR A 480 34.13 -4.15 19.77
C THR A 480 34.07 -4.94 21.08
N SER A 481 35.21 -5.12 21.74
CA SER A 481 35.24 -5.85 22.99
C SER A 481 34.32 -5.21 24.03
N ALA A 482 34.35 -3.88 24.13
CA ALA A 482 33.50 -3.19 25.11
C ALA A 482 32.02 -3.46 24.86
N VAL A 483 31.61 -3.44 23.59
CA VAL A 483 30.21 -3.71 23.25
C VAL A 483 29.84 -5.13 23.64
N LEU A 484 30.75 -6.09 23.43
CA LEU A 484 30.48 -7.47 23.81
C LEU A 484 30.34 -7.61 25.32
N TRP A 485 31.10 -6.83 26.09
CA TRP A 485 30.90 -6.80 27.53
C TRP A 485 29.51 -6.28 27.90
N ILE A 486 28.92 -5.44 27.05
CA ILE A 486 27.57 -4.97 27.29
C ILE A 486 26.57 -6.10 27.09
N PHE A 487 26.66 -6.78 25.95
CA PHE A 487 25.82 -7.97 25.74
C PHE A 487 26.03 -9.00 26.83
N PHE A 488 27.24 -9.07 27.38
CA PHE A 488 27.49 -9.95 28.53
C PHE A 488 26.65 -9.53 29.74
N SER A 489 26.60 -8.23 30.01
CA SER A 489 25.83 -7.75 31.16
C SER A 489 24.34 -7.97 30.95
N THR A 490 23.85 -7.75 29.73
CA THR A 490 22.44 -8.03 29.44
C THR A 490 22.11 -9.50 29.68
N CYS A 491 23.10 -10.39 29.51
CA CYS A 491 22.88 -11.80 29.81
C CYS A 491 22.76 -12.02 31.31
N ILE A 492 23.65 -11.41 32.09
CA ILE A 492 23.58 -11.54 33.54
C ILE A 492 22.28 -10.96 34.07
N LEU A 493 21.90 -9.77 33.56
CA LEU A 493 20.63 -9.19 33.97
C LEU A 493 19.47 -10.10 33.60
N GLY A 494 19.50 -10.67 32.40
CA GLY A 494 18.49 -11.65 32.04
C GLY A 494 18.54 -12.88 32.90
N PHE A 495 19.75 -13.35 33.22
CA PHE A 495 19.92 -14.41 34.21
C PHE A 495 19.25 -14.02 35.53
N ILE A 496 19.53 -12.81 36.01
CA ILE A 496 18.94 -12.35 37.25
C ILE A 496 17.43 -12.15 37.09
N SER A 497 17.01 -11.53 35.98
CA SER A 497 15.60 -11.21 35.79
C SER A 497 14.73 -12.46 35.72
N THR A 498 15.30 -13.59 35.29
CA THR A 498 14.52 -14.80 35.14
C THR A 498 13.93 -15.27 36.47
N PHE A 499 14.54 -14.88 37.59
CA PHE A 499 14.05 -15.30 38.91
C PHE A 499 12.60 -14.86 39.13
N LEU A 500 12.18 -13.76 38.49
CA LEU A 500 10.84 -13.21 38.69
C LEU A 500 9.74 -14.04 38.04
N ILE A 501 10.09 -15.09 37.31
CA ILE A 501 9.13 -15.82 36.47
C ILE A 501 8.65 -17.06 37.21
N ASP A 502 7.39 -17.42 37.00
CA ASP A 502 6.87 -18.71 37.43
C ASP A 502 7.04 -19.73 36.32
N GLU A 503 7.49 -20.92 36.68
CA GLU A 503 7.61 -22.01 35.71
C GLU A 503 6.22 -22.40 35.21
N THR A 504 6.07 -22.49 33.90
CA THR A 504 4.78 -22.69 33.26
C THR A 504 4.56 -24.11 32.76
N MET A 505 5.51 -25.02 32.99
CA MET A 505 5.38 -26.39 32.53
C MET A 505 4.16 -27.06 33.17
N GLY A 506 3.21 -27.46 32.33
CA GLY A 506 2.03 -28.14 32.80
C GLY A 506 1.08 -27.28 33.62
N VAL A 507 1.19 -25.97 33.53
CA VAL A 507 0.37 -25.04 34.31
C VAL A 507 -0.59 -24.34 33.36
N ASP A 508 -1.89 -24.56 33.56
CA ASP A 508 -2.92 -23.84 32.81
C ASP A 508 -3.14 -22.49 33.48
N PRO A 509 -2.75 -21.39 32.84
CA PRO A 509 -2.89 -20.07 33.48
C PRO A 509 -4.33 -19.69 33.80
N ASP A 510 -5.31 -20.27 33.14
CA ASP A 510 -6.71 -19.97 33.43
C ASP A 510 -7.11 -20.53 34.80
N GLU A 511 -6.90 -21.83 35.01
CA GLU A 511 -7.18 -22.43 36.31
C GLU A 511 -6.40 -21.75 37.42
N LYS A 512 -5.20 -21.24 37.12
CA LYS A 512 -4.43 -20.48 38.09
C LYS A 512 -5.24 -19.32 38.65
N ASP A 513 -5.94 -18.59 37.78
CA ASP A 513 -6.73 -17.45 38.23
C ASP A 513 -7.92 -17.89 39.08
N LEU A 514 -8.58 -18.98 38.69
CA LEU A 514 -9.75 -19.46 39.43
C LEU A 514 -9.43 -19.76 40.88
N GLU A 515 -8.51 -20.71 41.11
CA GLU A 515 -8.15 -21.09 42.47
C GLU A 515 -7.65 -19.92 43.30
N GLU A 516 -7.08 -18.90 42.66
CA GLU A 516 -6.69 -17.69 43.38
C GLU A 516 -7.90 -16.88 43.81
N ARG A 517 -8.86 -16.69 42.89
CA ARG A 517 -10.05 -15.90 43.20
C ARG A 517 -10.97 -16.60 44.18
N ARG A 518 -10.88 -17.92 44.31
CA ARG A 518 -11.70 -18.63 45.29
C ARG A 518 -11.29 -18.24 46.70
N ALA A 519 -9.99 -18.24 46.99
CA ALA A 519 -9.51 -17.87 48.32
C ALA A 519 -9.96 -16.47 48.72
N ARG A 520 -10.18 -15.59 47.75
CA ARG A 520 -10.66 -14.25 48.03
C ARG A 520 -11.93 -13.94 47.25
N PRO B 32 13.53 11.83 -21.10
CA PRO B 32 13.85 13.19 -20.64
C PRO B 32 12.62 14.07 -20.48
N GLN B 33 12.18 14.71 -21.57
CA GLN B 33 10.97 15.50 -21.53
C GLN B 33 9.72 14.64 -21.70
N ILE B 34 9.85 13.51 -22.40
CA ILE B 34 8.70 12.67 -22.68
C ILE B 34 8.22 11.96 -21.41
N LYS B 35 9.16 11.61 -20.52
CA LYS B 35 8.82 10.87 -19.31
C LYS B 35 7.87 11.64 -18.40
N LEU B 36 7.77 12.97 -18.58
CA LEU B 36 6.86 13.76 -17.77
C LEU B 36 5.41 13.54 -18.19
N VAL B 37 5.12 13.71 -19.50
CA VAL B 37 3.74 13.62 -19.96
C VAL B 37 3.21 12.20 -19.86
N LEU B 38 4.07 11.20 -20.09
CA LEU B 38 3.64 9.81 -19.95
C LEU B 38 3.25 9.49 -18.51
N LEU B 39 4.06 9.95 -17.55
CA LEU B 39 3.75 9.75 -16.14
C LEU B 39 2.39 10.34 -15.77
N ALA B 40 2.10 11.55 -16.24
CA ALA B 40 0.81 12.18 -15.97
C ALA B 40 -0.34 11.33 -16.51
N GLY B 41 -0.20 10.80 -17.73
CA GLY B 41 -1.23 9.96 -18.30
C GLY B 41 -1.55 8.72 -17.48
N VAL B 42 -0.52 8.12 -16.87
CA VAL B 42 -0.72 6.90 -16.09
C VAL B 42 -1.60 7.20 -14.87
N GLY B 43 -1.19 8.18 -14.06
CA GLY B 43 -2.00 8.57 -12.91
C GLY B 43 -3.38 9.05 -13.29
N PHE B 44 -3.51 9.67 -14.45
CA PHE B 44 -4.80 10.17 -14.90
C PHE B 44 -5.63 9.06 -15.55
N PHE B 45 -4.98 8.00 -16.03
CA PHE B 45 -5.69 6.75 -16.28
C PHE B 45 -6.20 6.14 -14.98
N LEU B 46 -5.42 6.25 -13.90
CA LEU B 46 -5.74 5.59 -12.65
C LEU B 46 -6.98 6.20 -11.99
N ASP B 47 -6.98 7.52 -11.80
CA ASP B 47 -8.10 8.15 -11.13
C ASP B 47 -9.38 8.06 -11.96
N ALA B 48 -9.27 8.08 -13.29
CA ALA B 48 -10.42 7.85 -14.14
C ALA B 48 -10.95 6.43 -13.97
N TYR B 49 -10.04 5.45 -13.90
CA TYR B 49 -10.40 4.08 -13.57
C TYR B 49 -11.22 4.07 -12.29
N ASP B 50 -10.60 4.45 -11.16
CA ASP B 50 -11.27 4.46 -9.87
C ASP B 50 -12.56 5.26 -9.90
N LEU B 51 -12.63 6.30 -10.73
CA LEU B 51 -13.83 7.12 -10.79
C LEU B 51 -15.00 6.36 -11.38
N PHE B 52 -14.81 5.71 -12.53
CA PHE B 52 -15.90 5.05 -13.25
C PHE B 52 -16.10 3.59 -12.85
N ILE B 53 -15.29 3.07 -11.92
CA ILE B 53 -15.43 1.68 -11.50
C ILE B 53 -16.76 1.46 -10.78
N ILE B 54 -17.20 2.46 -10.01
CA ILE B 54 -18.50 2.39 -9.34
C ILE B 54 -19.60 1.91 -10.30
N ASN B 55 -19.54 2.35 -11.56
CA ASN B 55 -20.54 1.94 -12.53
C ASN B 55 -20.56 0.41 -12.69
N GLN B 56 -19.43 -0.25 -12.41
CA GLN B 56 -19.35 -1.70 -12.45
C GLN B 56 -19.44 -2.34 -11.08
N VAL B 57 -19.20 -1.59 -10.00
CA VAL B 57 -19.33 -2.12 -8.66
C VAL B 57 -20.76 -1.99 -8.16
N ALA B 58 -21.42 -0.88 -8.47
CA ALA B 58 -22.82 -0.67 -8.06
C ALA B 58 -23.73 -1.84 -8.43
N PRO B 59 -23.71 -2.39 -9.65
CA PRO B 59 -24.55 -3.58 -9.91
C PRO B 59 -24.12 -4.78 -9.09
N MET B 60 -22.84 -4.90 -8.75
CA MET B 60 -22.40 -6.01 -7.90
C MET B 60 -22.89 -5.83 -6.47
N LEU B 61 -22.79 -4.62 -5.94
CA LEU B 61 -23.31 -4.35 -4.59
C LEU B 61 -24.82 -4.59 -4.54
N ALA B 62 -25.53 -4.23 -5.62
CA ALA B 62 -26.96 -4.46 -5.66
C ALA B 62 -27.28 -5.95 -5.60
N GLN B 63 -26.63 -6.75 -6.46
CA GLN B 63 -26.90 -8.19 -6.49
C GLN B 63 -26.62 -8.85 -5.13
N VAL B 64 -25.75 -8.27 -4.31
CA VAL B 64 -25.39 -8.86 -3.03
C VAL B 64 -26.26 -8.28 -1.91
N TYR B 65 -26.08 -7.00 -1.62
CA TYR B 65 -26.67 -6.39 -0.44
C TYR B 65 -28.06 -5.80 -0.68
N PHE B 66 -28.54 -5.78 -1.92
CA PHE B 66 -29.85 -5.24 -2.23
C PHE B 66 -30.49 -6.01 -3.39
N PRO B 67 -30.66 -7.33 -3.26
CA PRO B 67 -31.08 -8.10 -4.45
C PRO B 67 -32.53 -7.86 -4.84
N LYS B 68 -33.44 -7.80 -3.86
CA LYS B 68 -34.84 -7.57 -4.14
C LYS B 68 -35.06 -6.12 -4.54
N THR B 69 -34.98 -5.21 -3.57
CA THR B 69 -35.04 -3.79 -3.84
C THR B 69 -33.65 -3.32 -4.24
N GLY B 70 -33.54 -2.75 -5.44
CA GLY B 70 -32.26 -2.26 -5.94
C GLY B 70 -31.59 -1.23 -5.06
N LEU B 71 -30.43 -0.75 -5.49
CA LEU B 71 -29.67 0.24 -4.74
C LEU B 71 -30.54 1.45 -4.43
N PRO B 72 -30.71 1.81 -3.16
CA PRO B 72 -31.45 3.04 -2.84
C PRO B 72 -30.86 4.24 -3.55
N ALA B 73 -31.76 5.09 -4.07
CA ALA B 73 -31.37 6.17 -4.97
C ALA B 73 -30.30 7.06 -4.35
N GLN B 74 -30.63 7.70 -3.23
CA GLN B 74 -29.67 8.61 -2.60
C GLN B 74 -28.39 7.88 -2.22
N ARG B 75 -28.52 6.67 -1.67
CA ARG B 75 -27.33 5.94 -1.24
C ARG B 75 -26.42 5.61 -2.43
N GLN B 76 -27.02 5.29 -3.57
CA GLN B 76 -26.23 5.09 -4.78
C GLN B 76 -25.63 6.40 -5.25
N ASP B 77 -26.44 7.46 -5.27
CA ASP B 77 -26.00 8.77 -5.75
C ASP B 77 -24.84 9.30 -4.90
N LEU B 78 -24.97 9.21 -3.58
CA LEU B 78 -23.92 9.70 -2.68
C LEU B 78 -22.61 8.96 -2.93
N MET B 79 -22.68 7.63 -3.06
CA MET B 79 -21.48 6.85 -3.31
C MET B 79 -20.78 7.27 -4.59
N LYS B 80 -21.54 7.60 -5.62
CA LYS B 80 -20.96 7.95 -6.91
C LYS B 80 -20.44 9.38 -6.92
N ALA B 81 -21.13 10.29 -6.25
CA ALA B 81 -20.66 11.66 -6.12
C ALA B 81 -19.53 11.81 -5.11
N ALA B 82 -19.33 10.81 -4.26
CA ALA B 82 -18.31 10.89 -3.22
C ALA B 82 -16.94 11.23 -3.79
N ALA B 83 -16.47 10.45 -4.76
CA ALA B 83 -15.17 10.69 -5.36
C ALA B 83 -15.13 12.04 -6.07
N ASN B 84 -16.26 12.47 -6.65
CA ASN B 84 -16.30 13.78 -7.30
C ASN B 84 -16.34 14.91 -6.28
N ILE B 85 -17.01 14.70 -5.14
CA ILE B 85 -17.02 15.71 -4.08
C ILE B 85 -15.63 15.83 -3.46
N GLY B 86 -15.03 14.70 -3.10
CA GLY B 86 -13.65 14.72 -2.63
C GLY B 86 -12.68 15.30 -3.62
N CYS B 87 -13.01 15.28 -4.91
CA CYS B 87 -12.07 15.72 -5.93
C CYS B 87 -11.87 17.24 -5.90
N VAL B 88 -12.87 18.00 -5.49
CA VAL B 88 -12.73 19.45 -5.46
C VAL B 88 -12.13 19.92 -4.13
N VAL B 89 -12.52 19.31 -3.01
CA VAL B 89 -11.94 19.71 -1.73
C VAL B 89 -10.44 19.42 -1.70
N GLY B 90 -9.98 18.42 -2.47
CA GLY B 90 -8.56 18.22 -2.62
C GLY B 90 -7.88 19.38 -3.32
N GLN B 91 -8.53 19.93 -4.34
CA GLN B 91 -8.02 21.15 -4.98
C GLN B 91 -7.93 22.30 -3.98
N VAL B 92 -8.97 22.46 -3.16
CA VAL B 92 -8.96 23.53 -2.16
C VAL B 92 -7.87 23.26 -1.12
N MET B 93 -7.87 22.06 -0.54
CA MET B 93 -6.88 21.72 0.47
C MET B 93 -5.47 21.84 -0.09
N PHE B 94 -5.18 21.13 -1.18
CA PHE B 94 -3.86 21.24 -1.80
C PHE B 94 -3.63 22.60 -2.44
N GLY B 95 -4.68 23.39 -2.66
CA GLY B 95 -4.51 24.75 -3.11
C GLY B 95 -4.09 25.64 -1.96
N VAL B 96 -4.74 25.47 -0.80
CA VAL B 96 -4.35 26.24 0.38
C VAL B 96 -3.05 25.68 0.95
N LEU B 97 -2.93 24.35 1.01
CA LEU B 97 -1.69 23.72 1.44
C LEU B 97 -0.62 23.72 0.35
N GLY B 98 -0.93 24.26 -0.83
CA GLY B 98 0.07 24.53 -1.82
C GLY B 98 0.62 25.92 -1.60
N ASP B 99 -0.25 26.79 -1.07
CA ASP B 99 0.19 28.10 -0.63
C ASP B 99 1.05 27.99 0.61
N SER B 100 0.52 27.39 1.68
CA SER B 100 1.26 27.13 2.90
C SER B 100 1.83 25.72 2.85
N PHE B 101 3.16 25.64 2.76
CA PHE B 101 3.84 24.37 2.51
C PHE B 101 3.92 23.53 3.77
N GLY B 102 3.65 22.23 3.63
CA GLY B 102 3.94 21.27 4.67
C GLY B 102 5.14 20.46 4.23
N ARG B 103 5.33 20.44 2.92
CA ARG B 103 6.52 19.95 2.24
C ARG B 103 6.75 20.88 1.05
N LYS B 104 8.01 20.96 0.61
CA LYS B 104 8.32 21.83 -0.52
C LYS B 104 7.36 21.60 -1.69
N PHE B 105 7.14 20.34 -2.04
CA PHE B 105 6.24 19.97 -3.13
C PHE B 105 5.39 18.80 -2.68
N VAL B 106 4.06 18.98 -2.66
CA VAL B 106 3.15 17.88 -2.33
C VAL B 106 3.19 16.86 -3.46
N TYR B 107 4.10 15.89 -3.34
CA TYR B 107 4.40 14.95 -4.41
C TYR B 107 3.66 13.61 -4.29
N GLY B 108 3.49 13.11 -3.07
CA GLY B 108 2.99 11.75 -2.88
C GLY B 108 1.77 11.63 -1.99
N LYS B 109 1.52 12.68 -1.20
CA LYS B 109 0.40 12.66 -0.26
C LYS B 109 -0.92 12.34 -0.94
N GLU B 110 -1.17 12.96 -2.11
CA GLU B 110 -2.41 12.65 -2.83
C GLU B 110 -2.40 11.22 -3.38
N LEU B 111 -1.23 10.70 -3.77
CA LEU B 111 -1.18 9.38 -4.40
C LEU B 111 -1.37 8.26 -3.37
N ILE B 112 -0.73 8.38 -2.20
CA ILE B 112 -0.93 7.37 -1.17
C ILE B 112 -2.34 7.46 -0.60
N LEU B 113 -2.94 8.65 -0.64
CA LEU B 113 -4.29 8.82 -0.11
C LEU B 113 -5.31 8.04 -0.92
N ILE B 114 -5.16 8.02 -2.25
CA ILE B 114 -6.07 7.21 -3.05
C ILE B 114 -5.79 5.72 -2.84
N ILE B 115 -4.54 5.36 -2.58
CA ILE B 115 -4.21 3.96 -2.27
C ILE B 115 -4.89 3.54 -0.97
N VAL B 116 -4.70 4.33 0.08
CA VAL B 116 -5.36 4.05 1.36
C VAL B 116 -6.88 4.02 1.15
N ALA B 117 -7.41 5.02 0.45
CA ALA B 117 -8.84 5.01 0.14
C ALA B 117 -9.23 3.78 -0.67
N THR B 118 -8.41 3.41 -1.65
CA THR B 118 -8.71 2.24 -2.47
C THR B 118 -8.71 0.97 -1.62
N ILE B 119 -7.79 0.89 -0.67
CA ILE B 119 -7.68 -0.32 0.16
C ILE B 119 -8.89 -0.44 1.08
N PHE B 120 -9.25 0.66 1.77
CA PHE B 120 -10.40 0.63 2.66
C PHE B 120 -11.70 0.37 1.90
N GLN B 121 -11.76 0.76 0.63
CA GLN B 121 -12.92 0.42 -0.20
C GLN B 121 -13.11 -1.09 -0.31
N MET B 122 -12.12 -1.78 -0.89
CA MET B 122 -12.27 -3.19 -1.18
C MET B 122 -12.34 -4.04 0.08
N SER B 123 -11.78 -3.55 1.19
CA SER B 123 -11.79 -4.30 2.43
C SER B 123 -13.02 -4.01 3.28
N ALA B 124 -14.07 -3.44 2.70
CA ALA B 124 -15.35 -3.32 3.38
C ALA B 124 -15.75 -4.71 3.87
N PRO B 125 -15.70 -4.95 5.17
CA PRO B 125 -15.83 -6.31 5.68
C PRO B 125 -17.15 -6.96 5.28
N SER B 126 -17.09 -8.28 5.06
CA SER B 126 -18.16 -8.99 4.39
C SER B 126 -19.42 -9.16 5.22
N HIS B 127 -19.35 -9.05 6.55
CA HIS B 127 -20.52 -9.38 7.37
C HIS B 127 -21.21 -8.15 7.94
N TRP B 128 -20.77 -6.95 7.58
CA TRP B 128 -21.53 -5.74 7.88
C TRP B 128 -22.84 -5.72 7.10
N ASP B 129 -23.66 -4.69 7.37
CA ASP B 129 -24.94 -4.50 6.71
C ASP B 129 -24.75 -3.87 5.32
N GLY B 130 -25.83 -3.86 4.54
CA GLY B 130 -25.77 -3.25 3.22
C GLY B 130 -25.58 -1.76 3.29
N ASN B 131 -26.42 -1.09 4.08
CA ASN B 131 -26.34 0.37 4.19
C ASN B 131 -25.00 0.82 4.77
N ARG B 132 -24.51 0.09 5.78
CA ARG B 132 -23.22 0.45 6.38
C ARG B 132 -22.08 0.35 5.37
N VAL B 133 -22.10 -0.68 4.52
CA VAL B 133 -21.07 -0.82 3.50
C VAL B 133 -21.11 0.34 2.53
N LEU B 134 -22.31 0.77 2.12
CA LEU B 134 -22.42 1.91 1.21
C LEU B 134 -21.80 3.16 1.82
N THR B 135 -22.28 3.55 3.01
CA THR B 135 -21.68 4.67 3.72
C THR B 135 -20.19 4.47 3.93
N TRP B 136 -19.76 3.22 4.15
CA TRP B 136 -18.33 2.92 4.26
C TRP B 136 -17.62 3.25 2.96
N ILE B 137 -18.25 2.99 1.82
CA ILE B 137 -17.59 3.19 0.53
C ILE B 137 -17.58 4.68 0.17
N THR B 138 -18.66 5.40 0.45
CA THR B 138 -18.72 6.82 0.13
C THR B 138 -17.56 7.57 0.78
N ILE B 139 -17.39 7.38 2.09
CA ILE B 139 -16.30 8.05 2.82
C ILE B 139 -14.96 7.73 2.18
N CYS B 140 -14.74 6.45 1.85
CA CYS B 140 -13.49 6.05 1.21
C CYS B 140 -13.31 6.74 -0.13
N ARG B 141 -14.38 6.81 -0.92
CA ARG B 141 -14.27 7.44 -2.24
C ARG B 141 -14.04 8.94 -2.13
N VAL B 142 -14.54 9.57 -1.07
CA VAL B 142 -14.28 10.99 -0.85
C VAL B 142 -12.78 11.23 -0.72
N PHE B 143 -12.14 10.54 0.22
CA PHE B 143 -10.69 10.64 0.37
C PHE B 143 -9.99 10.22 -0.93
N LEU B 144 -10.51 9.21 -1.61
CA LEU B 144 -10.02 8.87 -2.94
C LEU B 144 -10.04 10.09 -3.85
N GLY B 145 -11.16 10.83 -3.86
CA GLY B 145 -11.24 12.05 -4.63
C GLY B 145 -10.24 13.10 -4.20
N ILE B 146 -10.02 13.22 -2.88
CA ILE B 146 -9.07 14.22 -2.36
C ILE B 146 -7.70 14.03 -3.01
N GLY B 147 -7.26 12.78 -3.13
CA GLY B 147 -6.01 12.52 -3.84
C GLY B 147 -6.14 12.82 -5.33
N ILE B 148 -7.30 12.53 -5.92
CA ILE B 148 -7.53 12.83 -7.33
C ILE B 148 -7.49 14.33 -7.58
N GLY B 149 -7.94 15.12 -6.59
CA GLY B 149 -7.97 16.56 -6.76
C GLY B 149 -6.62 17.22 -6.83
N GLY B 150 -5.58 16.58 -6.29
CA GLY B 150 -4.25 17.17 -6.37
C GLY B 150 -3.60 17.04 -7.73
N ASP B 151 -4.01 16.05 -8.52
CA ASP B 151 -3.41 15.81 -9.83
C ASP B 151 -4.13 16.51 -10.98
N TYR B 152 -5.38 16.95 -10.77
CA TYR B 152 -6.14 17.57 -11.84
C TYR B 152 -5.51 18.86 -12.37
N PRO B 153 -5.21 19.88 -11.55
CA PRO B 153 -4.63 21.12 -12.08
C PRO B 153 -3.18 21.00 -12.53
N MET B 154 -2.49 19.91 -12.20
CA MET B 154 -1.07 19.76 -12.52
C MET B 154 -0.80 19.91 -14.02
N SER B 155 -1.47 19.09 -14.84
CA SER B 155 -1.10 18.91 -16.24
C SER B 155 -1.12 20.19 -17.08
N ALA B 156 -1.85 21.22 -16.67
CA ALA B 156 -2.17 22.33 -17.57
C ALA B 156 -0.92 23.09 -18.01
N THR B 157 -0.13 23.58 -17.06
CA THR B 157 0.98 24.45 -17.43
C THR B 157 2.17 23.67 -17.99
N VAL B 158 2.26 22.37 -17.69
CA VAL B 158 3.40 21.57 -18.07
C VAL B 158 3.48 21.33 -19.57
N VAL B 159 2.43 21.67 -20.32
CA VAL B 159 2.41 21.40 -21.74
C VAL B 159 2.64 22.70 -22.51
N SER B 160 1.69 23.63 -22.39
CA SER B 160 1.73 24.85 -23.20
C SER B 160 2.97 25.67 -22.91
N ASP B 161 3.12 26.12 -21.66
CA ASP B 161 4.19 27.05 -21.32
C ASP B 161 5.55 26.37 -21.30
N ARG B 162 5.59 25.08 -20.99
CA ARG B 162 6.84 24.34 -21.05
C ARG B 162 7.36 24.25 -22.49
N ALA B 163 6.46 24.32 -23.46
CA ALA B 163 6.80 24.24 -24.87
C ALA B 163 6.77 25.58 -25.58
N ASN B 164 5.75 26.40 -25.32
CA ASN B 164 5.54 27.66 -26.05
C ASN B 164 5.57 27.42 -27.56
N ILE B 165 4.95 26.32 -27.98
CA ILE B 165 5.00 25.87 -29.36
C ILE B 165 3.58 25.54 -29.81
N HIS B 166 3.36 25.64 -31.12
CA HIS B 166 2.09 25.19 -31.70
C HIS B 166 1.86 23.72 -31.38
N ARG B 167 0.60 23.30 -31.54
CA ARG B 167 0.19 21.90 -31.37
C ARG B 167 0.41 21.41 -29.94
N ARG B 168 0.26 22.32 -28.98
CA ARG B 168 0.29 21.93 -27.58
C ARG B 168 -0.94 21.10 -27.22
N GLY B 169 -2.07 21.36 -27.88
CA GLY B 169 -3.28 20.63 -27.57
C GLY B 169 -3.17 19.15 -27.88
N THR B 170 -2.53 18.83 -29.02
CA THR B 170 -2.28 17.43 -29.35
C THR B 170 -1.57 16.69 -28.23
N LEU B 171 -0.70 17.38 -27.49
CA LEU B 171 -0.07 16.74 -26.35
C LEU B 171 -1.07 16.61 -25.19
N LEU B 172 -1.93 17.61 -25.02
CA LEU B 172 -2.95 17.54 -23.97
C LEU B 172 -3.96 16.45 -24.25
N CYS B 173 -4.47 16.39 -25.48
CA CYS B 173 -5.47 15.39 -25.83
C CYS B 173 -4.92 13.98 -25.69
N PHE B 174 -3.63 13.79 -25.99
CA PHE B 174 -2.99 12.49 -25.80
C PHE B 174 -3.08 12.05 -24.35
N ILE B 175 -2.83 12.96 -23.41
CA ILE B 175 -2.92 12.62 -21.99
C ILE B 175 -4.36 12.38 -21.59
N PHE B 176 -5.29 13.23 -22.08
CA PHE B 176 -6.69 13.10 -21.74
C PHE B 176 -7.31 11.80 -22.25
N ALA B 177 -6.70 11.17 -23.25
CA ALA B 177 -7.22 9.91 -23.77
C ALA B 177 -7.18 8.79 -22.74
N ASN B 178 -6.31 8.89 -21.73
CA ASN B 178 -6.24 7.87 -20.69
C ASN B 178 -7.54 7.75 -19.89
N GLN B 179 -8.38 8.79 -19.91
CA GLN B 179 -9.69 8.69 -19.26
C GLN B 179 -10.54 7.60 -19.89
N GLY B 180 -10.47 7.47 -21.22
CA GLY B 180 -11.20 6.40 -21.88
C GLY B 180 -10.70 5.03 -21.49
N TRP B 181 -9.39 4.88 -21.36
CA TRP B 181 -8.82 3.60 -20.94
C TRP B 181 -9.24 3.26 -19.51
N GLY B 182 -9.31 4.27 -18.64
CA GLY B 182 -9.74 4.02 -17.27
C GLY B 182 -11.12 3.41 -17.19
N SER B 183 -12.08 3.97 -17.94
CA SER B 183 -13.41 3.40 -17.97
C SER B 183 -13.45 2.11 -18.80
N PHE B 184 -12.61 2.02 -19.83
CA PHE B 184 -12.58 0.82 -20.66
C PHE B 184 -11.93 -0.34 -19.92
N VAL B 185 -10.71 -0.14 -19.44
CA VAL B 185 -10.02 -1.18 -18.66
C VAL B 185 -10.88 -1.60 -17.48
N GLY B 186 -11.55 -0.65 -16.84
CA GLY B 186 -12.50 -0.98 -15.79
C GLY B 186 -13.59 -1.94 -16.28
N SER B 187 -14.04 -1.75 -17.52
CA SER B 187 -14.98 -2.69 -18.11
C SER B 187 -14.27 -3.99 -18.51
N LEU B 188 -13.08 -3.87 -19.12
CA LEU B 188 -12.34 -5.07 -19.51
C LEU B 188 -11.95 -5.90 -18.29
N VAL B 189 -11.44 -5.25 -17.24
CA VAL B 189 -11.14 -5.95 -16.00
C VAL B 189 -12.39 -6.64 -15.47
N THR B 190 -13.56 -6.01 -15.64
CA THR B 190 -14.79 -6.56 -15.08
C THR B 190 -15.17 -7.85 -15.80
N ILE B 191 -15.26 -7.83 -17.13
CA ILE B 191 -15.65 -9.02 -17.87
C ILE B 191 -14.66 -10.15 -17.63
N VAL B 192 -13.37 -9.83 -17.62
CA VAL B 192 -12.36 -10.87 -17.37
C VAL B 192 -12.47 -11.40 -15.95
N THR B 193 -12.75 -10.52 -14.98
CA THR B 193 -12.95 -10.96 -13.61
C THR B 193 -14.18 -11.84 -13.50
N ILE B 194 -15.29 -11.40 -14.10
CA ILE B 194 -16.53 -12.19 -14.04
C ILE B 194 -16.35 -13.50 -14.78
N SER B 195 -15.75 -13.47 -15.97
CA SER B 195 -15.52 -14.71 -16.71
C SER B 195 -14.64 -15.67 -15.93
N GLY B 196 -13.68 -15.15 -15.16
CA GLY B 196 -12.86 -16.02 -14.32
C GLY B 196 -13.67 -16.67 -13.22
N PHE B 197 -14.54 -15.90 -12.57
CA PHE B 197 -15.40 -16.48 -11.54
C PHE B 197 -16.53 -17.29 -12.14
N LYS B 198 -16.97 -16.94 -13.35
CA LYS B 198 -18.07 -17.64 -14.00
C LYS B 198 -17.67 -19.02 -14.50
N HIS B 199 -16.38 -19.26 -14.68
CA HIS B 199 -15.92 -20.50 -15.29
C HIS B 199 -16.57 -21.72 -14.65
N ARG B 200 -16.70 -21.72 -13.32
CA ARG B 200 -17.42 -22.75 -12.60
C ARG B 200 -18.03 -22.24 -11.31
N LEU B 201 -17.25 -21.41 -10.59
CA LEU B 201 -17.58 -21.08 -9.21
C LEU B 201 -18.91 -20.32 -9.07
N LYS B 202 -19.23 -19.46 -10.03
CA LYS B 202 -20.51 -18.75 -9.95
C LYS B 202 -21.70 -19.69 -10.10
N SER B 203 -21.54 -20.77 -10.85
CA SER B 203 -22.58 -21.80 -10.99
C SER B 203 -22.57 -22.67 -9.73
N GLY B 204 -23.07 -22.08 -8.65
CA GLY B 204 -23.08 -22.76 -7.36
C GLY B 204 -22.79 -21.84 -6.20
N HIS B 205 -21.65 -21.15 -6.23
CA HIS B 205 -21.24 -20.26 -5.15
C HIS B 205 -21.62 -18.84 -5.54
N THR B 206 -22.79 -18.40 -5.11
CA THR B 206 -23.31 -17.08 -5.46
C THR B 206 -23.05 -16.10 -4.32
N HIS B 207 -21.78 -15.73 -4.17
CA HIS B 207 -21.42 -14.74 -3.16
C HIS B 207 -20.01 -14.19 -3.39
N ASP B 208 -19.21 -14.87 -4.21
CA ASP B 208 -17.86 -14.37 -4.46
C ASP B 208 -17.85 -13.15 -5.37
N VAL B 209 -19.00 -12.76 -5.92
CA VAL B 209 -19.12 -11.46 -6.55
C VAL B 209 -18.77 -10.36 -5.55
N ASP B 210 -18.95 -10.62 -4.25
CA ASP B 210 -18.42 -9.72 -3.23
C ASP B 210 -16.91 -9.57 -3.38
N LYS B 211 -16.20 -10.67 -3.65
CA LYS B 211 -14.77 -10.57 -3.94
C LYS B 211 -14.52 -9.86 -5.27
N ALA B 212 -15.40 -10.07 -6.25
CA ALA B 212 -15.20 -9.53 -7.59
C ALA B 212 -15.00 -8.02 -7.55
N TRP B 213 -15.98 -7.31 -6.97
CA TRP B 213 -15.85 -5.84 -6.90
C TRP B 213 -14.64 -5.44 -6.07
N ARG B 214 -14.23 -6.27 -5.11
CA ARG B 214 -12.99 -6.00 -4.39
C ARG B 214 -11.78 -6.18 -5.29
N ILE B 215 -11.89 -7.03 -6.30
CA ILE B 215 -10.79 -7.21 -7.25
C ILE B 215 -10.77 -6.05 -8.25
N LEU B 216 -11.95 -5.63 -8.70
CA LEU B 216 -12.02 -4.47 -9.59
C LEU B 216 -11.40 -3.24 -8.94
N ILE B 217 -11.68 -3.03 -7.66
CA ILE B 217 -11.07 -1.93 -6.93
C ILE B 217 -9.61 -2.24 -6.59
N GLY B 218 -9.32 -3.51 -6.31
CA GLY B 218 -7.98 -3.85 -5.85
C GLY B 218 -6.93 -3.77 -6.95
N LEU B 219 -7.30 -4.15 -8.17
CA LEU B 219 -6.34 -4.12 -9.27
C LEU B 219 -5.85 -2.72 -9.59
N SER B 220 -6.56 -1.69 -9.13
CA SER B 220 -6.10 -0.32 -9.28
C SER B 220 -4.89 -0.02 -8.40
N LEU B 221 -4.57 -0.88 -7.44
CA LEU B 221 -3.40 -0.67 -6.61
C LEU B 221 -2.11 -0.88 -7.39
N ILE B 222 -2.13 -1.78 -8.37
CA ILE B 222 -0.92 -2.06 -9.15
C ILE B 222 -0.44 -0.82 -9.91
N PRO B 223 -1.27 -0.12 -10.68
CA PRO B 223 -0.78 1.13 -11.28
C PRO B 223 -0.48 2.21 -10.26
N ALA B 224 -1.24 2.27 -9.16
CA ALA B 224 -0.98 3.26 -8.12
C ALA B 224 0.40 3.06 -7.51
N PHE B 225 0.72 1.84 -7.12
CA PHE B 225 2.04 1.55 -6.57
C PHE B 225 3.11 1.64 -7.65
N GLY B 226 2.78 1.27 -8.89
CA GLY B 226 3.72 1.41 -9.99
C GLY B 226 4.08 2.86 -10.27
N THR B 227 3.13 3.77 -10.12
CA THR B 227 3.41 5.19 -10.33
C THR B 227 4.42 5.72 -9.32
N LEU B 228 4.26 5.34 -8.05
CA LEU B 228 5.19 5.78 -7.00
C LEU B 228 6.64 5.51 -7.36
N TYR B 229 6.92 4.34 -7.94
CA TYR B 229 8.31 4.03 -8.31
C TYR B 229 8.87 5.02 -9.33
N GLN B 230 8.01 5.63 -10.15
CA GLN B 230 8.45 6.69 -11.04
C GLN B 230 8.40 8.06 -10.37
N ARG B 231 7.39 8.32 -9.55
CA ARG B 231 7.36 9.54 -8.76
C ARG B 231 8.59 9.65 -7.87
N LEU B 232 8.96 8.54 -7.20
CA LEU B 232 10.11 8.56 -6.31
C LEU B 232 11.41 8.64 -7.10
N THR B 233 11.55 7.81 -8.13
CA THR B 233 12.75 7.78 -8.96
C THR B 233 12.57 8.76 -10.11
N LEU B 234 13.00 10.00 -9.90
CA LEU B 234 12.90 11.03 -10.93
C LEU B 234 13.91 10.80 -12.03
N LYS B 296 -1.89 37.26 -1.71
CA LYS B 296 -3.06 38.11 -1.88
C LYS B 296 -2.74 39.31 -2.76
N ALA B 297 -1.48 39.41 -3.18
CA ALA B 297 -1.05 40.51 -4.04
C ALA B 297 -1.42 40.25 -5.50
N HIS B 298 -1.12 39.05 -6.01
CA HIS B 298 -1.44 38.69 -7.38
C HIS B 298 -2.94 38.59 -7.65
N TRP B 299 -3.77 38.55 -6.60
CA TRP B 299 -5.21 38.47 -6.82
C TRP B 299 -5.77 39.78 -7.36
N GLN B 300 -5.25 40.92 -6.88
CA GLN B 300 -5.67 42.21 -7.41
C GLN B 300 -5.40 42.32 -8.90
N GLU B 301 -4.30 41.72 -9.36
CA GLU B 301 -4.03 41.66 -10.79
C GLU B 301 -5.10 40.84 -11.51
N PHE B 302 -5.50 39.71 -10.93
CA PHE B 302 -6.54 38.87 -11.53
C PHE B 302 -7.83 39.65 -11.73
N VAL B 303 -8.25 40.39 -10.70
CA VAL B 303 -9.49 41.16 -10.78
C VAL B 303 -9.38 42.22 -11.87
N ALA B 304 -8.22 42.89 -11.96
CA ALA B 304 -8.06 43.94 -12.96
C ALA B 304 -8.09 43.39 -14.38
N TYR B 305 -7.48 42.22 -14.60
CA TYR B 305 -7.46 41.64 -15.95
C TYR B 305 -8.87 41.30 -16.41
N PHE B 306 -9.62 40.55 -15.60
CA PHE B 306 -10.92 40.04 -15.98
C PHE B 306 -12.05 41.04 -15.71
N SER B 307 -11.72 42.29 -15.41
CA SER B 307 -12.69 43.37 -15.37
C SER B 307 -12.88 44.01 -16.74
N THR B 308 -12.24 43.47 -17.79
CA THR B 308 -12.41 43.92 -19.15
C THR B 308 -13.24 42.89 -19.91
N TRP B 309 -14.20 43.38 -20.70
CA TRP B 309 -15.19 42.51 -21.35
C TRP B 309 -14.53 41.39 -22.15
N ASN B 310 -13.70 41.76 -23.13
CA ASN B 310 -13.08 40.75 -24.00
C ASN B 310 -12.25 39.75 -23.19
N HIS B 311 -11.58 40.22 -22.15
CA HIS B 311 -10.84 39.32 -21.27
C HIS B 311 -11.76 38.55 -20.32
N PHE B 312 -12.90 39.15 -19.95
CA PHE B 312 -13.80 38.52 -18.99
C PHE B 312 -14.60 37.39 -19.62
N ARG B 313 -15.07 37.59 -20.85
CA ARG B 313 -15.91 36.59 -21.50
C ARG B 313 -15.19 35.26 -21.65
N ASN B 314 -13.86 35.27 -21.73
CA ASN B 314 -13.11 34.03 -21.95
C ASN B 314 -13.20 33.10 -20.74
N LEU B 315 -13.39 33.66 -19.54
CA LEU B 315 -13.58 32.81 -18.36
C LEU B 315 -14.93 32.11 -18.39
N LEU B 316 -15.99 32.84 -18.76
CA LEU B 316 -17.34 32.26 -18.78
C LEU B 316 -17.40 31.02 -19.65
N GLY B 317 -16.88 31.10 -20.87
CA GLY B 317 -16.90 29.93 -21.74
C GLY B 317 -16.16 28.75 -21.16
N SER B 318 -15.02 29.00 -20.51
CA SER B 318 -14.28 27.92 -19.87
C SER B 318 -15.07 27.32 -18.71
N MET B 319 -15.60 28.17 -17.84
CA MET B 319 -16.33 27.68 -16.67
C MET B 319 -17.63 27.00 -17.08
N LEU B 320 -18.40 27.63 -17.95
CA LEU B 320 -19.72 27.10 -18.33
C LEU B 320 -19.58 25.74 -19.02
N GLY B 321 -18.80 25.68 -20.10
CA GLY B 321 -18.67 24.44 -20.86
C GLY B 321 -18.28 23.25 -20.02
N TRP B 322 -17.29 23.44 -19.14
CA TRP B 322 -16.85 22.34 -18.29
C TRP B 322 -17.93 21.94 -17.28
N PHE B 323 -18.62 22.92 -16.71
CA PHE B 323 -19.68 22.63 -15.74
C PHE B 323 -20.80 21.79 -16.35
N LEU B 324 -21.21 22.12 -17.58
CA LEU B 324 -22.40 21.49 -18.16
C LEU B 324 -22.15 20.07 -18.64
N VAL B 325 -20.98 19.80 -19.23
CA VAL B 325 -20.71 18.45 -19.74
C VAL B 325 -20.68 17.44 -18.62
N ASP B 326 -19.96 17.75 -17.53
CA ASP B 326 -19.79 16.81 -16.44
C ASP B 326 -21.11 16.41 -15.79
N ILE B 327 -22.15 17.22 -15.97
CA ILE B 327 -23.49 16.82 -15.54
C ILE B 327 -23.92 15.55 -16.28
N ALA B 328 -24.02 15.63 -17.60
CA ALA B 328 -24.45 14.48 -18.39
C ALA B 328 -23.34 13.45 -18.54
N PHE B 329 -22.07 13.89 -18.62
CA PHE B 329 -20.97 12.94 -18.79
C PHE B 329 -20.84 12.03 -17.58
N PHE B 330 -20.57 12.61 -16.41
CA PHE B 330 -20.40 11.80 -15.21
C PHE B 330 -21.75 11.29 -14.69
N GLY B 331 -22.80 12.11 -14.79
CA GLY B 331 -24.13 11.65 -14.43
C GLY B 331 -24.54 10.40 -15.17
N ILE B 332 -24.02 10.20 -16.37
CA ILE B 332 -24.30 8.99 -17.13
C ILE B 332 -23.23 7.93 -16.91
N ASN B 333 -21.94 8.29 -17.06
CA ASN B 333 -20.90 7.27 -17.01
C ASN B 333 -20.81 6.63 -15.62
N LEU B 334 -21.04 7.41 -14.56
CA LEU B 334 -21.11 6.81 -13.24
C LEU B 334 -22.37 5.96 -13.07
N ASN B 335 -23.41 6.21 -13.86
CA ASN B 335 -24.66 5.46 -13.81
C ASN B 335 -24.97 4.81 -15.16
N GLN B 336 -23.92 4.53 -15.95
CA GLN B 336 -24.12 3.98 -17.29
C GLN B 336 -24.79 2.62 -17.23
N SER B 337 -24.44 1.81 -16.23
CA SER B 337 -25.09 0.51 -16.08
C SER B 337 -26.56 0.69 -15.75
N VAL B 338 -26.92 1.76 -15.04
CA VAL B 338 -28.33 2.01 -14.72
C VAL B 338 -29.10 2.37 -15.99
N VAL B 339 -28.53 3.23 -16.84
CA VAL B 339 -29.18 3.54 -18.11
C VAL B 339 -29.24 2.28 -18.97
N LEU B 340 -28.12 1.56 -19.06
CA LEU B 340 -28.12 0.26 -19.73
C LEU B 340 -29.09 -0.70 -19.05
N ALA B 341 -29.31 -0.54 -17.74
CA ALA B 341 -30.31 -1.34 -17.05
C ALA B 341 -31.72 -1.00 -17.52
N GLN B 342 -31.95 0.26 -17.89
CA GLN B 342 -33.25 0.63 -18.44
C GLN B 342 -33.49 -0.09 -19.76
N ILE B 343 -32.43 -0.41 -20.51
CA ILE B 343 -32.56 -1.15 -21.74
C ILE B 343 -32.60 -2.62 -21.35
N GLY B 344 -32.88 -3.51 -22.31
CA GLY B 344 -33.03 -4.92 -22.04
C GLY B 344 -31.82 -5.60 -21.41
N PHE B 345 -30.65 -4.96 -21.39
CA PHE B 345 -29.46 -5.64 -20.88
C PHE B 345 -29.60 -6.05 -19.42
N ALA B 346 -30.41 -5.35 -18.64
CA ALA B 346 -30.64 -5.72 -17.24
C ALA B 346 -31.56 -6.92 -17.09
N GLY B 347 -32.85 -6.69 -17.32
CA GLY B 347 -33.87 -7.70 -17.12
C GLY B 347 -34.08 -8.69 -18.25
N LYS B 348 -33.31 -9.78 -18.22
CA LYS B 348 -33.42 -10.85 -19.19
C LYS B 348 -33.16 -12.17 -18.49
N THR B 349 -33.70 -13.24 -19.07
CA THR B 349 -33.57 -14.60 -18.57
C THR B 349 -32.10 -14.97 -18.39
N GLY B 350 -31.82 -15.98 -17.58
CA GLY B 350 -30.48 -16.42 -17.29
C GLY B 350 -30.09 -16.17 -15.84
N ASP B 351 -28.96 -16.76 -15.47
CA ASP B 351 -28.46 -16.70 -14.10
C ASP B 351 -27.80 -15.35 -13.82
N VAL B 352 -27.24 -15.23 -12.62
CA VAL B 352 -26.59 -13.99 -12.20
C VAL B 352 -25.43 -13.65 -13.12
N TYR B 353 -24.71 -14.66 -13.61
CA TYR B 353 -23.61 -14.40 -14.53
C TYR B 353 -24.10 -13.77 -15.82
N ASP B 354 -25.13 -14.37 -16.43
CA ASP B 354 -25.69 -13.80 -17.65
C ASP B 354 -26.15 -12.36 -17.43
N LYS B 355 -26.76 -12.08 -16.27
CA LYS B 355 -27.16 -10.72 -15.96
C LYS B 355 -25.94 -9.81 -15.82
N LEU B 356 -24.93 -10.26 -15.09
CA LEU B 356 -23.73 -9.44 -14.89
C LEU B 356 -22.93 -9.32 -16.19
N PHE B 357 -22.87 -10.40 -16.97
CA PHE B 357 -22.10 -10.36 -18.21
C PHE B 357 -22.79 -9.48 -19.25
N GLN B 358 -24.12 -9.57 -19.36
CA GLN B 358 -24.84 -8.74 -20.32
C GLN B 358 -24.66 -7.26 -19.99
N LEU B 359 -24.81 -6.90 -18.72
CA LEU B 359 -24.59 -5.51 -18.32
C LEU B 359 -23.15 -5.09 -18.58
N ALA B 360 -22.19 -5.96 -18.23
CA ALA B 360 -20.79 -5.68 -18.55
C ALA B 360 -20.54 -5.69 -20.05
N THR B 361 -21.30 -6.51 -20.80
CA THR B 361 -21.18 -6.48 -22.26
C THR B 361 -21.59 -5.13 -22.82
N GLY B 362 -22.59 -4.50 -22.21
CA GLY B 362 -23.01 -3.19 -22.68
C GLY B 362 -21.97 -2.11 -22.40
N ASN B 363 -21.42 -2.12 -21.17
CA ASN B 363 -20.42 -1.11 -20.82
C ASN B 363 -19.18 -1.25 -21.70
N ILE B 364 -18.70 -2.47 -21.91
CA ILE B 364 -17.51 -2.66 -22.73
C ILE B 364 -17.78 -2.23 -24.16
N ILE B 365 -19.00 -2.45 -24.66
CA ILE B 365 -19.35 -2.01 -26.00
C ILE B 365 -19.39 -0.49 -26.07
N VAL B 366 -20.12 0.14 -25.15
CA VAL B 366 -20.25 1.59 -25.15
C VAL B 366 -18.89 2.25 -24.97
N THR B 367 -18.06 1.70 -24.06
CA THR B 367 -16.78 2.34 -23.76
C THR B 367 -15.74 2.07 -24.85
N ALA B 368 -15.83 0.95 -25.56
CA ALA B 368 -14.85 0.68 -26.61
C ALA B 368 -15.21 1.36 -27.93
N LEU B 369 -16.50 1.42 -28.26
CA LEU B 369 -16.92 1.95 -29.55
C LEU B 369 -17.14 3.46 -29.55
N GLY B 370 -17.46 4.03 -28.40
CA GLY B 370 -17.76 5.45 -28.33
C GLY B 370 -16.91 6.22 -27.36
N PHE B 371 -16.97 5.82 -26.09
CA PHE B 371 -16.28 6.54 -25.01
C PHE B 371 -14.82 6.77 -25.31
N LEU B 372 -14.10 5.74 -25.74
CA LEU B 372 -12.65 5.83 -25.91
C LEU B 372 -12.24 6.47 -27.23
N PRO B 373 -12.69 5.97 -28.40
CA PRO B 373 -12.17 6.51 -29.66
C PRO B 373 -12.41 7.99 -29.86
N GLY B 374 -13.42 8.57 -29.20
CA GLY B 374 -13.63 10.01 -29.28
C GLY B 374 -12.43 10.81 -28.85
N TYR B 375 -11.60 10.26 -27.96
CA TYR B 375 -10.38 10.96 -27.55
C TYR B 375 -9.37 11.06 -28.68
N TYR B 376 -9.22 9.98 -29.45
CA TYR B 376 -8.21 9.96 -30.51
C TYR B 376 -8.67 10.69 -31.76
N PHE B 377 -9.97 10.70 -32.04
CA PHE B 377 -10.50 11.56 -33.09
C PHE B 377 -10.20 13.03 -32.79
N THR B 378 -10.40 13.44 -31.53
CA THR B 378 -10.01 14.79 -31.11
C THR B 378 -8.51 14.99 -31.27
N LEU B 379 -7.73 13.94 -31.04
CA LEU B 379 -6.27 14.04 -31.04
C LEU B 379 -5.74 14.49 -32.40
N PHE B 380 -6.44 14.17 -33.48
CA PHE B 380 -5.95 14.40 -34.83
C PHE B 380 -6.54 15.64 -35.49
N LEU B 381 -7.37 16.41 -34.78
CA LEU B 381 -8.10 17.48 -35.45
C LEU B 381 -8.16 18.81 -34.69
N ILE B 382 -7.76 18.85 -33.42
CA ILE B 382 -7.81 20.11 -32.67
C ILE B 382 -6.86 21.14 -33.28
N ASP B 383 -5.68 20.72 -33.70
CA ASP B 383 -4.72 21.62 -34.33
C ASP B 383 -4.93 21.75 -35.83
N ILE B 384 -6.00 21.17 -36.35
CA ILE B 384 -6.39 21.33 -37.74
C ILE B 384 -7.71 22.10 -37.85
N VAL B 385 -8.72 21.67 -37.11
CA VAL B 385 -10.05 22.28 -37.20
C VAL B 385 -10.21 23.42 -36.21
N GLY B 386 -9.75 23.23 -34.97
CA GLY B 386 -9.91 24.22 -33.94
C GLY B 386 -10.68 23.70 -32.73
N ARG B 387 -10.54 24.38 -31.60
CA ARG B 387 -11.17 23.91 -30.38
C ARG B 387 -12.67 24.19 -30.38
N LYS B 388 -13.05 25.45 -30.57
CA LYS B 388 -14.46 25.85 -30.56
C LYS B 388 -15.30 25.00 -31.51
N LYS B 389 -14.77 24.71 -32.69
CA LYS B 389 -15.53 23.98 -33.70
C LYS B 389 -15.88 22.57 -33.25
N LEU B 390 -14.94 21.89 -32.58
CA LEU B 390 -15.26 20.57 -32.04
C LEU B 390 -16.20 20.68 -30.84
N GLN B 391 -16.03 21.72 -30.02
CA GLN B 391 -16.89 21.90 -28.85
C GLN B 391 -18.36 22.06 -29.25
N PHE B 392 -18.61 22.84 -30.30
CA PHE B 392 -19.97 22.98 -30.83
C PHE B 392 -20.56 21.62 -31.18
N MET B 393 -19.86 20.86 -32.00
CA MET B 393 -20.31 19.53 -32.41
C MET B 393 -20.58 18.64 -31.20
N GLY B 394 -19.64 18.59 -30.25
CA GLY B 394 -19.82 17.75 -29.08
C GLY B 394 -21.11 18.00 -28.35
N PHE B 395 -21.42 19.27 -28.07
CA PHE B 395 -22.68 19.61 -27.44
C PHE B 395 -23.87 19.24 -28.33
N ILE B 396 -23.83 19.65 -29.59
CA ILE B 396 -25.02 19.57 -30.44
C ILE B 396 -25.34 18.12 -30.81
N MET B 397 -24.31 17.29 -30.99
CA MET B 397 -24.57 15.91 -31.39
C MET B 397 -25.06 15.07 -30.21
N SER B 398 -24.30 15.08 -29.12
CA SER B 398 -24.72 14.39 -27.90
C SER B 398 -26.11 14.85 -27.46
N GLY B 399 -26.40 16.14 -27.60
CA GLY B 399 -27.73 16.62 -27.29
C GLY B 399 -28.80 16.02 -28.18
N LEU B 400 -28.51 15.93 -29.49
CA LEU B 400 -29.48 15.36 -30.43
C LEU B 400 -29.96 13.99 -29.99
N PHE B 401 -29.03 13.07 -29.74
CA PHE B 401 -29.43 11.72 -29.36
C PHE B 401 -30.15 11.70 -28.02
N LEU B 402 -29.73 12.56 -27.08
CA LEU B 402 -30.45 12.68 -25.82
C LEU B 402 -31.92 13.02 -26.03
N ALA B 403 -32.22 13.75 -27.10
CA ALA B 403 -33.61 14.02 -27.44
C ALA B 403 -34.29 12.79 -28.02
N ILE B 404 -33.57 12.03 -28.85
CA ILE B 404 -34.13 10.80 -29.42
C ILE B 404 -34.34 9.77 -28.32
N LEU B 405 -33.34 9.59 -27.46
CA LEU B 405 -33.47 8.68 -26.31
C LEU B 405 -34.74 8.96 -25.53
N ALA B 406 -34.84 10.16 -24.96
CA ALA B 406 -35.94 10.47 -24.05
C ALA B 406 -37.30 10.27 -24.72
N GLY B 407 -37.47 10.79 -25.92
CA GLY B 407 -38.75 10.68 -26.59
C GLY B 407 -39.09 9.29 -27.08
N GLU B 408 -38.11 8.38 -27.09
CA GLU B 408 -38.37 7.05 -27.63
C GLU B 408 -37.81 5.92 -26.75
N ILE B 409 -37.32 6.22 -25.55
CA ILE B 409 -36.77 5.18 -24.68
C ILE B 409 -37.85 4.19 -24.27
N ASP B 410 -39.09 4.65 -24.13
CA ASP B 410 -40.19 3.80 -23.69
C ASP B 410 -41.05 3.32 -24.86
N HIS B 411 -40.54 3.45 -26.09
CA HIS B 411 -41.31 3.08 -27.27
C HIS B 411 -40.49 2.35 -28.33
N ILE B 412 -39.22 2.07 -28.08
CA ILE B 412 -38.32 1.47 -29.08
C ILE B 412 -37.43 0.45 -28.38
N GLY B 413 -37.08 -0.61 -29.12
CA GLY B 413 -36.32 -1.71 -28.58
C GLY B 413 -34.84 -1.43 -28.39
N LYS B 414 -34.17 -2.42 -27.81
CA LYS B 414 -32.73 -2.44 -27.54
C LYS B 414 -31.84 -1.89 -28.65
N GLY B 415 -32.18 -2.15 -29.91
CA GLY B 415 -31.28 -1.91 -31.01
C GLY B 415 -30.91 -0.45 -31.20
N PRO B 416 -31.87 0.35 -31.67
CA PRO B 416 -31.59 1.77 -31.91
C PRO B 416 -31.08 2.51 -30.67
N LEU B 417 -31.53 2.11 -29.48
CA LEU B 417 -31.16 2.84 -28.28
C LEU B 417 -29.69 2.65 -27.92
N LEU B 418 -29.12 1.48 -28.23
CA LEU B 418 -27.71 1.25 -27.92
C LEU B 418 -26.82 2.21 -28.70
N ALA B 419 -27.00 2.28 -30.02
CA ALA B 419 -26.10 3.08 -30.86
C ALA B 419 -26.20 4.56 -30.51
N CYS B 420 -27.43 5.07 -30.40
CA CYS B 420 -27.62 6.45 -30.02
C CYS B 420 -26.99 6.76 -28.66
N PHE B 421 -26.96 5.77 -27.77
CA PHE B 421 -26.27 5.94 -26.50
C PHE B 421 -24.76 5.94 -26.68
N THR B 422 -24.25 5.01 -27.49
CA THR B 422 -22.81 4.97 -27.76
C THR B 422 -22.37 6.20 -28.54
N PHE B 423 -23.16 6.60 -29.55
CA PHE B 423 -22.87 7.83 -30.28
C PHE B 423 -22.78 9.02 -29.33
N MET B 424 -23.69 9.07 -28.35
CA MET B 424 -23.65 10.14 -27.35
C MET B 424 -22.33 10.15 -26.60
N GLN B 425 -21.97 9.00 -26.00
CA GLN B 425 -20.68 8.88 -25.33
C GLN B 425 -19.52 9.22 -26.26
N PHE B 426 -19.60 8.79 -27.52
CA PHE B 426 -18.58 9.14 -28.51
C PHE B 426 -18.45 10.65 -28.65
N PHE B 427 -19.57 11.37 -28.68
CA PHE B 427 -19.53 12.79 -28.99
C PHE B 427 -19.25 13.68 -27.79
N PHE B 428 -19.38 13.16 -26.57
CA PHE B 428 -18.88 13.89 -25.40
C PHE B 428 -17.37 14.06 -25.49
N ASN B 429 -16.64 12.95 -25.54
CA ASN B 429 -15.18 12.99 -25.51
C ASN B 429 -14.60 13.53 -26.82
N PHE B 430 -15.28 13.33 -27.94
CA PHE B 430 -14.80 13.88 -29.20
C PHE B 430 -15.08 15.37 -29.31
N GLY B 431 -16.00 15.90 -28.51
CA GLY B 431 -16.28 17.31 -28.58
C GLY B 431 -15.93 18.07 -27.32
N ALA B 432 -16.92 18.33 -26.47
CA ALA B 432 -16.77 19.32 -25.41
C ALA B 432 -15.98 18.78 -24.22
N ASN B 433 -16.16 17.51 -23.88
CA ASN B 433 -15.45 16.94 -22.73
C ASN B 433 -13.95 17.10 -22.87
N THR B 434 -13.41 16.87 -24.07
CA THR B 434 -11.98 17.06 -24.29
C THR B 434 -11.63 18.51 -24.58
N THR B 435 -12.50 19.22 -25.29
CA THR B 435 -12.18 20.59 -25.70
C THR B 435 -12.11 21.53 -24.50
N THR B 436 -13.11 21.46 -23.60
CA THR B 436 -13.12 22.32 -22.42
C THR B 436 -11.84 22.18 -21.62
N PHE B 437 -11.24 20.99 -21.61
CA PHE B 437 -9.97 20.78 -20.92
C PHE B 437 -8.85 21.54 -21.61
N ILE B 438 -8.80 21.48 -22.94
CA ILE B 438 -7.70 22.10 -23.69
C ILE B 438 -7.86 23.61 -23.73
N VAL B 439 -9.09 24.10 -23.94
CA VAL B 439 -9.33 25.53 -24.06
C VAL B 439 -8.95 26.26 -22.78
N ALA B 440 -9.28 25.67 -21.63
CA ALA B 440 -9.02 26.31 -20.34
C ALA B 440 -7.55 26.55 -20.09
N ALA B 441 -6.67 25.84 -20.79
CA ALA B 441 -5.23 26.01 -20.62
C ALA B 441 -4.60 26.84 -21.74
N GLU B 442 -5.32 27.09 -22.83
CA GLU B 442 -4.76 27.78 -23.98
C GLU B 442 -5.21 29.24 -24.10
N LEU B 443 -6.19 29.67 -23.30
CA LEU B 443 -6.70 31.04 -23.40
C LEU B 443 -5.97 32.02 -22.50
N PHE B 444 -5.47 31.57 -21.37
CA PHE B 444 -5.12 32.60 -20.40
C PHE B 444 -3.62 32.80 -20.33
N PRO B 445 -3.18 34.05 -20.16
CA PRO B 445 -1.75 34.30 -19.95
C PRO B 445 -1.22 33.55 -18.74
N THR B 446 0.05 33.15 -18.81
CA THR B 446 0.65 32.38 -17.74
C THR B 446 0.55 33.09 -16.40
N ARG B 447 0.55 34.42 -16.41
CA ARG B 447 0.50 35.16 -15.16
C ARG B 447 -0.82 34.95 -14.42
N ILE B 448 -1.84 34.41 -15.10
CA ILE B 448 -3.16 34.24 -14.48
C ILE B 448 -3.79 32.91 -14.86
N ARG B 449 -3.12 32.12 -15.72
CA ARG B 449 -3.74 30.86 -16.14
C ARG B 449 -3.96 29.92 -14.97
N ALA B 450 -3.06 29.95 -13.98
CA ALA B 450 -3.15 29.00 -12.87
C ALA B 450 -4.42 29.22 -12.06
N SER B 451 -4.71 30.47 -11.71
CA SER B 451 -5.91 30.75 -10.94
C SER B 451 -7.16 30.48 -11.77
N ALA B 452 -7.19 30.98 -13.01
CA ALA B 452 -8.35 30.79 -13.88
C ALA B 452 -8.61 29.30 -14.13
N HIS B 453 -7.55 28.55 -14.45
CA HIS B 453 -7.71 27.12 -14.73
C HIS B 453 -8.25 26.38 -13.52
N GLY B 454 -7.81 26.76 -12.31
CA GLY B 454 -8.32 26.12 -11.11
C GLY B 454 -9.79 26.41 -10.88
N ILE B 455 -10.23 27.63 -11.20
CA ILE B 455 -11.63 27.99 -11.03
C ILE B 455 -12.50 27.20 -12.01
N SER B 456 -12.13 27.19 -13.29
CA SER B 456 -12.91 26.49 -14.30
C SER B 456 -13.10 25.01 -13.96
N ALA B 457 -12.01 24.35 -13.54
CA ALA B 457 -12.09 22.95 -13.16
C ALA B 457 -13.09 22.74 -12.02
N ALA B 458 -13.03 23.59 -10.99
CA ALA B 458 -13.97 23.49 -9.88
C ALA B 458 -15.41 23.52 -10.35
N ALA B 459 -15.74 24.43 -11.28
CA ALA B 459 -17.08 24.45 -11.85
C ALA B 459 -17.45 23.11 -12.46
N GLY B 460 -16.52 22.49 -13.19
CA GLY B 460 -16.77 21.17 -13.75
C GLY B 460 -17.10 20.13 -12.70
N LYS B 461 -16.42 20.19 -11.56
CA LYS B 461 -16.68 19.22 -10.50
C LYS B 461 -18.10 19.39 -9.95
N CYS B 462 -18.57 20.63 -9.83
CA CYS B 462 -19.92 20.88 -9.35
C CYS B 462 -20.95 20.20 -10.25
N GLY B 463 -20.81 20.37 -11.57
CA GLY B 463 -21.69 19.66 -12.48
C GLY B 463 -21.60 18.15 -12.32
N ALA B 464 -20.40 17.63 -12.08
CA ALA B 464 -20.23 16.21 -11.84
C ALA B 464 -20.96 15.77 -10.58
N ILE B 465 -20.79 16.51 -9.48
CA ILE B 465 -21.39 16.08 -8.23
C ILE B 465 -22.90 16.26 -8.24
N LEU B 466 -23.42 17.29 -8.93
CA LEU B 466 -24.86 17.52 -8.98
C LEU B 466 -25.59 16.31 -9.56
N SER B 467 -25.36 16.02 -10.84
CA SER B 467 -25.99 14.87 -11.47
C SER B 467 -25.71 13.60 -10.69
N SER B 468 -24.46 13.40 -10.26
CA SER B 468 -24.12 12.21 -9.49
C SER B 468 -24.95 12.13 -8.21
N LEU B 469 -25.20 13.28 -7.56
CA LEU B 469 -25.94 13.29 -6.31
C LEU B 469 -27.45 13.10 -6.49
N VAL B 470 -27.99 13.41 -7.66
CA VAL B 470 -29.44 13.47 -7.85
C VAL B 470 -29.93 12.58 -8.98
N PHE B 471 -29.03 11.91 -9.70
CA PHE B 471 -29.43 11.15 -10.89
C PHE B 471 -30.46 10.09 -10.54
N ASN B 472 -30.08 9.12 -9.70
CA ASN B 472 -30.96 8.00 -9.41
C ASN B 472 -32.21 8.45 -8.65
N GLN B 473 -32.12 9.54 -7.88
CA GLN B 473 -33.28 10.04 -7.17
C GLN B 473 -34.34 10.56 -8.13
N LEU B 474 -33.95 11.46 -9.03
CA LEU B 474 -34.88 12.00 -10.02
C LEU B 474 -35.45 10.88 -10.89
N LYS B 475 -34.61 9.91 -11.26
CA LYS B 475 -35.04 8.80 -12.10
C LYS B 475 -36.35 8.18 -11.60
N ALA B 476 -36.52 8.10 -10.28
CA ALA B 476 -37.76 7.58 -9.71
C ALA B 476 -38.84 8.65 -9.56
N LYS B 477 -38.46 9.91 -9.39
CA LYS B 477 -39.44 10.97 -9.17
C LYS B 477 -39.98 11.56 -10.47
N ILE B 478 -39.16 11.66 -11.51
CA ILE B 478 -39.54 12.41 -12.70
C ILE B 478 -39.56 11.55 -13.96
N GLY B 479 -38.86 10.42 -13.97
CA GLY B 479 -38.81 9.62 -15.18
C GLY B 479 -37.49 9.76 -15.89
N THR B 480 -37.04 8.66 -16.50
CA THR B 480 -35.75 8.65 -17.16
C THR B 480 -35.76 9.55 -18.39
N SER B 481 -36.84 9.52 -19.16
CA SER B 481 -36.94 10.40 -20.32
C SER B 481 -36.83 11.86 -19.90
N ALA B 482 -37.50 12.24 -18.82
CA ALA B 482 -37.43 13.62 -18.36
C ALA B 482 -36.01 14.00 -17.97
N VAL B 483 -35.30 13.09 -17.30
CA VAL B 483 -33.91 13.36 -16.92
C VAL B 483 -33.04 13.53 -18.17
N LEU B 484 -33.28 12.70 -19.20
CA LEU B 484 -32.53 12.83 -20.43
C LEU B 484 -32.85 14.13 -21.14
N TRP B 485 -34.09 14.60 -21.05
CA TRP B 485 -34.43 15.92 -21.58
C TRP B 485 -33.67 17.02 -20.84
N ILE B 486 -33.34 16.80 -19.57
CA ILE B 486 -32.53 17.76 -18.83
C ILE B 486 -31.10 17.74 -19.33
N PHE B 487 -30.50 16.55 -19.41
CA PHE B 487 -29.16 16.42 -19.99
C PHE B 487 -29.13 16.93 -21.43
N PHE B 488 -30.25 16.79 -22.14
CA PHE B 488 -30.35 17.37 -23.48
C PHE B 488 -30.22 18.89 -23.45
N SER B 489 -30.89 19.54 -22.50
CA SER B 489 -30.85 20.99 -22.41
C SER B 489 -29.45 21.49 -22.03
N THR B 490 -28.77 20.77 -21.14
CA THR B 490 -27.41 21.15 -20.78
C THR B 490 -26.48 21.18 -21.99
N CYS B 491 -26.77 20.37 -23.01
CA CYS B 491 -25.97 20.40 -24.22
C CYS B 491 -26.21 21.68 -25.02
N ILE B 492 -27.48 22.10 -25.13
CA ILE B 492 -27.80 23.31 -25.89
C ILE B 492 -27.17 24.53 -25.22
N LEU B 493 -27.28 24.62 -23.89
CA LEU B 493 -26.68 25.74 -23.18
C LEU B 493 -25.17 25.76 -23.35
N GLY B 494 -24.53 24.60 -23.28
CA GLY B 494 -23.09 24.53 -23.54
C GLY B 494 -22.72 24.94 -24.95
N PHE B 495 -23.55 24.54 -25.93
CA PHE B 495 -23.40 25.03 -27.29
C PHE B 495 -23.37 26.56 -27.33
N ILE B 496 -24.29 27.20 -26.62
CA ILE B 496 -24.35 28.66 -26.61
C ILE B 496 -23.11 29.25 -25.96
N SER B 497 -22.67 28.69 -24.83
CA SER B 497 -21.57 29.26 -24.07
C SER B 497 -20.26 29.29 -24.87
N THR B 498 -20.11 28.37 -25.84
CA THR B 498 -18.86 28.30 -26.60
C THR B 498 -18.60 29.59 -27.36
N PHE B 499 -19.65 30.34 -27.69
CA PHE B 499 -19.48 31.59 -28.44
C PHE B 499 -18.57 32.57 -27.72
N LEU B 500 -18.51 32.50 -26.39
CA LEU B 500 -17.72 33.44 -25.59
C LEU B 500 -16.22 33.19 -25.68
N ILE B 501 -15.79 32.17 -26.40
CA ILE B 501 -14.40 31.71 -26.37
C ILE B 501 -13.65 32.29 -27.57
N ASP B 502 -12.38 32.61 -27.36
CA ASP B 502 -11.46 32.91 -28.45
C ASP B 502 -10.81 31.62 -28.91
N GLU B 503 -10.71 31.45 -30.23
CA GLU B 503 -10.03 30.28 -30.77
C GLU B 503 -8.55 30.33 -30.40
N THR B 504 -8.06 29.24 -29.82
CA THR B 504 -6.73 29.19 -29.25
C THR B 504 -5.73 28.42 -30.10
N MET B 505 -6.15 27.90 -31.25
CA MET B 505 -5.24 27.15 -32.10
C MET B 505 -4.10 28.04 -32.55
N GLY B 506 -2.87 27.68 -32.17
CA GLY B 506 -1.72 28.47 -32.56
C GLY B 506 -1.64 29.83 -31.91
N VAL B 507 -2.38 30.06 -30.84
CA VAL B 507 -2.42 31.35 -30.15
C VAL B 507 -1.69 31.20 -28.83
N ASP B 508 -0.58 31.91 -28.69
CA ASP B 508 0.15 31.93 -27.43
C ASP B 508 -0.51 32.97 -26.53
N PRO B 509 -1.21 32.55 -25.47
CA PRO B 509 -1.90 33.52 -24.61
C PRO B 509 -0.96 34.51 -23.94
N ASP B 510 0.31 34.17 -23.78
CA ASP B 510 1.27 35.11 -23.22
C ASP B 510 1.57 36.21 -24.23
N GLU B 511 2.00 35.83 -25.43
CA GLU B 511 2.20 36.81 -26.49
C GLU B 511 0.92 37.57 -26.80
N LYS B 512 -0.24 36.90 -26.69
CA LYS B 512 -1.52 37.58 -26.82
C LYS B 512 -1.63 38.72 -25.83
N ASP B 513 -1.26 38.48 -24.57
CA ASP B 513 -1.33 39.51 -23.54
C ASP B 513 -0.33 40.62 -23.81
N LEU B 514 0.88 40.25 -24.24
CA LEU B 514 1.91 41.25 -24.54
C LEU B 514 1.40 42.24 -25.58
N GLU B 515 1.05 41.73 -26.77
CA GLU B 515 0.53 42.60 -27.82
C GLU B 515 -0.68 43.39 -27.36
N GLU B 516 -1.44 42.84 -26.40
CA GLU B 516 -2.55 43.59 -25.81
C GLU B 516 -2.04 44.73 -24.93
N ARG B 517 -1.10 44.43 -24.04
CA ARG B 517 -0.58 45.45 -23.14
C ARG B 517 0.31 46.46 -23.86
N ARG B 518 0.90 46.09 -25.00
CA ARG B 518 1.69 47.03 -25.79
C ARG B 518 0.80 48.10 -26.40
N ALA B 519 -0.30 47.68 -27.06
CA ALA B 519 -1.21 48.63 -27.69
C ALA B 519 -1.77 49.64 -26.69
N ARG B 520 -1.93 49.24 -25.43
CA ARG B 520 -2.40 50.17 -24.40
C ARG B 520 -1.45 50.18 -23.21
P PO4 C . 11.45 -10.36 18.17
O1 PO4 C . 10.19 -10.05 18.94
O2 PO4 C . 11.11 -11.19 16.96
O3 PO4 C . 12.41 -11.12 19.04
O4 PO4 C . 12.07 -9.05 17.73
#